data_9BGF
#
_entry.id   9BGF
#
_cell.length_a   1.00
_cell.length_b   1.00
_cell.length_c   1.00
_cell.angle_alpha   90.00
_cell.angle_beta   90.00
_cell.angle_gamma   90.00
#
_symmetry.space_group_name_H-M   'P 1'
#
loop_
_entity.id
_entity.type
_entity.pdbx_description
1 polymer 'N-acetylglucosamine-1-phosphotransferase subunits alpha/beta'
2 branched 2-acetamido-2-deoxy-beta-D-glucopyranose-(1-4)-2-acetamido-2-deoxy-beta-D-glucopyranose
3 non-polymer 'CALCIUM ION'
4 non-polymer 'MAGNESIUM ION'
5 non-polymer URIDINE-DIPHOSPHATE-N-ACETYLGLUCOSAMINE
6 non-polymer 2-acetamido-2-deoxy-beta-D-glucopyranose
#
_entity_poly.entity_id   1
_entity_poly.type   'polypeptide(L)'
_entity_poly.pdbx_seq_one_letter_code
;DEDQVDPRLIDGKWSRDQYHVLFDSYRDNIAGKSFQNRLCLPMPIDVVYTWVNGTDLELLKELQQVREQMEEEQKAMREI
LGKNTTEPTKKSEKQLECLLTHCIKVPMLVLDPALPANITLKDLPSLYPSFHSASDIFNVAKPKNPSTNVSVVVFDSTKD
VEDAHSGLLKGNSRQTVWRGYLTTDKEVPGLVLMQDLAFLSGFPPTFKETNQLKTKLPENLSSKVKLLQLYSEASVALLK
LNNPKDFQELNKQTKKNMTIDGKELTISPAYLLWDLSAISQSKQDEDISASRFEDNEELRYSLRSIERHAPWVRNIFIVT
NGQIPSWLNLDNPRVTIVTHQDVFRNLSHLPTFSSPAIESHIHRIEGLSQKFIYLNDDVMFGKDVWPDDFYSHSKGQKVY
LTWPVPNCAEGCPGSWIKDGYCDKACNNSACDWDGGDCSGNSGGSRYIAGGGGTGSIGVGQPWQFGGGINSVSYCNQGCA
NSWLADKFCDQACNVLSCGFDAGDCGQDHFHELYKVILLPNQTHYIIPKGECLPYFSFAEVAKRGVEGAYSDNPIIRHAS
IANKWKTIHLIMHSGMNATTIHFNLTFQNTNDEEFKMQITVEVDTREGPKLNSTAQKGYENLVSPITLLPEAEILFEDIP
KEKRFPKFKRHDVNSTRRAQEEVKIPLVNISLLPKDAQLSLNTLDLQLEHGDITLKGYNLSKSALLRSFLMNSQHAKIKN
QAIITDETNDSLVAPQEKQVHKSILPNSLGVSERLQRLTFPAVSVKVNGHDQGQNPPLDLETTARFRVETHTQKTIGGNV
TKEKPPSLIVPLESQMTKEKKITGKEKENSRMEENAENHIGVTEVLLGRKLQHYTDSYLGFLPWEKKKYFQDLLDEEESL
KTQLAYFTDSKNRARYKRDTFADSLRYVNKILNSKFGFTSRKVPAHMPHMIDRIVMQELQDMFPEEFDKTSFHKVRHSED
MQFAFSYFYYLMSAVQPLNISQVFDEVDTDQSGVLSDREIRTLATRIHELPLSLQDLTGLEHMLINCSKMLPADITQLNN
IPPTQESYYDPNLPPVTKSLVTNCKPVTDKIHKAYKDKNKYRFEIMGEEEIAFKMIRTNVSHVVGQLDDIRKNPRKFVCL
NDNIDHNHKDAQTVKAVLRDFYESMFPIPSQFELPREYRNRFLHMHELQEWRAYRDKLK
;
_entity_poly.pdbx_strand_id   A,B
#
loop_
_chem_comp.id
_chem_comp.type
_chem_comp.name
_chem_comp.formula
CA non-polymer 'CALCIUM ION' 'Ca 2'
MG non-polymer 'MAGNESIUM ION' 'Mg 2'
NAG D-saccharide, beta linking 2-acetamido-2-deoxy-beta-D-glucopyranose 'C8 H15 N O6'
UD1 non-polymer URIDINE-DIPHOSPHATE-N-ACETYLGLUCOSAMINE 'C17 H27 N3 O17 P2'
#
# COMPACT_ATOMS: atom_id res chain seq x y z
N TYR A 19 26.47 -10.34 7.78
CA TYR A 19 25.78 -9.78 8.94
C TYR A 19 26.01 -8.28 9.07
N HIS A 20 27.26 -7.88 9.33
CA HIS A 20 27.55 -6.46 9.52
C HIS A 20 27.35 -5.67 8.23
N VAL A 21 27.60 -6.29 7.07
CA VAL A 21 27.36 -5.61 5.80
C VAL A 21 25.89 -5.26 5.65
N LEU A 22 25.00 -6.19 6.00
CA LEU A 22 23.57 -5.92 5.92
C LEU A 22 23.15 -4.86 6.93
N PHE A 23 23.72 -4.90 8.14
CA PHE A 23 23.36 -3.94 9.16
C PHE A 23 23.79 -2.52 8.77
N ASP A 24 24.98 -2.38 8.19
CA ASP A 24 25.47 -1.06 7.80
C ASP A 24 24.75 -0.50 6.58
N SER A 25 23.96 -1.30 5.88
CA SER A 25 23.25 -0.80 4.69
C SER A 25 22.25 0.29 5.06
N TYR A 26 21.55 0.13 6.19
CA TYR A 26 20.51 1.08 6.56
C TYR A 26 21.08 2.40 7.07
N ARG A 27 22.31 2.41 7.55
CA ARG A 27 22.96 3.65 7.98
C ARG A 27 23.61 4.39 6.82
N ASP A 28 23.54 3.85 5.60
CA ASP A 28 24.13 4.49 4.43
C ASP A 28 23.11 5.43 3.81
N ASN A 29 23.01 6.62 4.39
CA ASN A 29 22.08 7.64 3.91
C ASN A 29 22.60 9.00 4.36
N ILE A 30 21.95 10.05 3.85
CA ILE A 30 22.41 11.41 4.14
C ILE A 30 22.29 11.73 5.62
N ALA A 31 21.25 11.20 6.27
CA ALA A 31 21.06 11.47 7.69
C ALA A 31 22.06 10.73 8.56
N GLY A 32 22.50 9.55 8.12
CA GLY A 32 23.38 8.73 8.92
C GLY A 32 22.69 7.87 9.96
N LYS A 33 21.35 7.90 10.02
CA LYS A 33 20.58 7.10 10.95
C LYS A 33 20.06 5.85 10.27
N SER A 34 19.47 4.98 11.08
CA SER A 34 18.83 3.76 10.60
C SER A 34 17.33 3.96 10.60
N PHE A 35 16.70 3.75 9.44
CA PHE A 35 15.26 3.86 9.29
C PHE A 35 14.62 2.50 9.05
N GLN A 36 15.28 1.44 9.52
CA GLN A 36 14.82 0.09 9.26
C GLN A 36 13.44 -0.17 9.84
N ASN A 37 13.18 0.36 11.04
CA ASN A 37 11.87 0.18 11.66
C ASN A 37 10.76 0.80 10.82
N ARG A 38 11.08 1.83 10.04
CA ARG A 38 10.11 2.47 9.16
C ARG A 38 10.07 1.86 7.76
N LEU A 39 10.99 0.95 7.46
CA LEU A 39 11.09 0.36 6.12
C LEU A 39 10.76 -1.12 6.06
N CYS A 40 10.86 -1.85 7.18
CA CYS A 40 10.85 -3.31 7.16
C CYS A 40 9.57 -3.90 7.74
N LEU A 41 8.46 -3.17 7.74
CA LEU A 41 7.14 -3.70 8.10
C LEU A 41 7.05 -4.12 9.56
N PRO A 42 5.85 -4.38 10.09
CA PRO A 42 5.72 -4.87 11.47
C PRO A 42 6.03 -6.36 11.56
N MET A 43 7.02 -6.71 12.36
CA MET A 43 7.38 -8.08 12.64
C MET A 43 7.58 -8.27 14.14
N PRO A 44 7.23 -9.45 14.67
CA PRO A 44 6.62 -10.60 14.00
C PRO A 44 5.12 -10.46 13.83
N ILE A 45 4.49 -11.36 13.09
CA ILE A 45 3.03 -11.41 12.97
C ILE A 45 2.57 -12.83 13.20
N ASP A 46 1.52 -12.98 14.01
CA ASP A 46 0.94 -14.28 14.33
C ASP A 46 -0.45 -14.39 13.73
N VAL A 47 -0.93 -15.62 13.62
CA VAL A 47 -2.26 -15.92 13.13
C VAL A 47 -3.05 -16.55 14.27
N VAL A 48 -4.30 -16.13 14.43
CA VAL A 48 -5.19 -16.67 15.44
C VAL A 48 -6.40 -17.28 14.73
N TYR A 49 -6.73 -18.51 15.10
CA TYR A 49 -7.89 -19.21 14.59
C TYR A 49 -8.89 -19.46 15.71
N THR A 50 -10.17 -19.49 15.34
CA THR A 50 -11.24 -19.95 16.23
C THR A 50 -11.92 -21.13 15.54
N TRP A 51 -11.89 -22.29 16.20
CA TRP A 51 -12.39 -23.52 15.61
C TRP A 51 -13.29 -24.24 16.60
N VAL A 52 -14.40 -24.78 16.10
CA VAL A 52 -15.34 -25.54 16.93
C VAL A 52 -15.77 -26.78 16.16
N ASN A 53 -15.89 -27.90 16.89
CA ASN A 53 -16.32 -29.17 16.34
C ASN A 53 -17.61 -29.61 17.05
N GLY A 54 -18.47 -30.29 16.30
CA GLY A 54 -19.71 -30.80 16.85
C GLY A 54 -19.55 -32.16 17.49
N THR A 55 -18.85 -32.20 18.62
CA THR A 55 -18.65 -33.44 19.36
C THR A 55 -19.87 -33.75 20.22
N ASP A 56 -19.87 -34.96 20.80
CA ASP A 56 -20.95 -35.34 21.71
C ASP A 56 -20.91 -34.50 22.99
N LEU A 57 -19.73 -34.29 23.55
CA LEU A 57 -19.62 -33.49 24.77
C LEU A 57 -20.08 -32.06 24.53
N GLU A 58 -19.73 -31.49 23.38
CA GLU A 58 -20.17 -30.15 23.04
C GLU A 58 -21.67 -30.12 22.76
N LEU A 59 -22.20 -31.17 22.13
CA LEU A 59 -23.64 -31.22 21.87
C LEU A 59 -24.44 -31.33 23.16
N LEU A 60 -23.91 -32.03 24.16
CA LEU A 60 -24.60 -32.11 25.45
C LEU A 60 -24.72 -30.74 26.10
N LYS A 61 -23.64 -29.95 26.09
CA LYS A 61 -23.71 -28.60 26.63
C LYS A 61 -24.58 -27.71 25.76
N GLU A 62 -24.65 -27.99 24.45
CA GLU A 62 -25.49 -27.20 23.56
C GLU A 62 -26.97 -27.38 23.88
N LEU A 63 -27.38 -28.60 24.22
CA LEU A 63 -28.78 -28.85 24.55
C LEU A 63 -29.19 -28.18 25.85
N GLN A 64 -28.26 -28.03 26.80
CA GLN A 64 -28.59 -27.35 28.05
C GLN A 64 -28.94 -25.88 27.80
N GLN A 65 -28.22 -25.22 26.89
CA GLN A 65 -28.47 -23.81 26.63
C GLN A 65 -29.80 -23.61 25.89
N VAL A 66 -30.06 -24.43 24.88
CA VAL A 66 -31.28 -24.25 24.09
C VAL A 66 -32.53 -24.55 24.91
N ARG A 67 -32.44 -25.52 25.83
CA ARG A 67 -33.56 -25.77 26.73
C ARG A 67 -33.80 -24.57 27.65
N GLU A 68 -32.73 -23.96 28.17
CA GLU A 68 -32.87 -22.73 28.94
C GLU A 68 -33.24 -21.55 28.04
N GLN A 69 -32.90 -21.61 26.76
CA GLN A 69 -33.23 -20.53 25.85
C GLN A 69 -34.72 -20.48 25.57
N MET A 70 -35.36 -21.64 25.43
CA MET A 70 -36.80 -21.69 25.15
C MET A 70 -37.61 -21.14 26.32
N GLU A 71 -37.22 -21.47 27.55
CA GLU A 71 -37.96 -21.02 28.72
C GLU A 71 -37.82 -19.53 28.99
N GLU A 72 -36.86 -18.86 28.34
CA GLU A 72 -36.72 -17.42 28.54
C GLU A 72 -37.69 -16.64 27.66
N GLU A 73 -37.85 -17.05 26.40
CA GLU A 73 -38.73 -16.34 25.49
C GLU A 73 -40.21 -16.57 25.78
N GLN A 74 -40.55 -17.68 26.46
CA GLN A 74 -41.95 -17.94 26.80
C GLN A 74 -42.46 -16.99 27.87
N LYS A 75 -41.58 -16.45 28.71
CA LYS A 75 -42.01 -15.53 29.75
C LYS A 75 -42.61 -14.26 29.15
N ALA A 76 -41.97 -13.71 28.13
CA ALA A 76 -42.45 -12.49 27.49
C ALA A 76 -43.12 -12.79 26.16
N GLU A 286 -30.31 -19.31 11.88
CA GLU A 286 -30.47 -19.56 13.30
C GLU A 286 -29.12 -19.53 14.01
N ASP A 287 -29.10 -19.01 15.24
CA ASP A 287 -27.87 -18.87 16.01
C ASP A 287 -27.47 -20.15 16.73
N ILE A 288 -28.27 -21.21 16.60
CA ILE A 288 -27.96 -22.49 17.21
C ILE A 288 -27.76 -23.60 16.17
N SER A 289 -28.13 -23.36 14.92
CA SER A 289 -28.13 -24.41 13.90
C SER A 289 -26.74 -25.01 13.72
N ALA A 290 -26.71 -26.19 13.09
CA ALA A 290 -25.48 -26.94 12.94
C ALA A 290 -24.45 -26.21 12.08
N SER A 291 -24.89 -25.32 11.19
CA SER A 291 -23.97 -24.57 10.35
C SER A 291 -23.12 -23.59 11.15
N ARG A 292 -23.46 -23.34 12.41
CA ARG A 292 -22.66 -22.49 13.27
C ARG A 292 -21.47 -23.23 13.90
N PHE A 293 -21.48 -24.57 13.88
CA PHE A 293 -20.48 -25.34 14.58
C PHE A 293 -19.84 -26.46 13.76
N GLU A 294 -20.42 -26.84 12.62
CA GLU A 294 -19.96 -28.01 11.90
C GLU A 294 -18.57 -27.80 11.30
N ASP A 295 -17.73 -28.83 11.38
CA ASP A 295 -16.40 -28.81 10.78
C ASP A 295 -16.50 -29.39 9.37
N ASN A 296 -16.32 -28.53 8.35
CA ASN A 296 -16.27 -28.94 6.96
C ASN A 296 -14.83 -29.06 6.45
N GLU A 297 -13.89 -29.40 7.34
CA GLU A 297 -12.47 -29.54 7.03
C GLU A 297 -11.82 -28.22 6.62
N GLU A 298 -12.50 -27.10 6.85
CA GLU A 298 -11.98 -25.81 6.39
C GLU A 298 -10.70 -25.42 7.10
N LEU A 299 -10.53 -25.81 8.37
CA LEU A 299 -9.33 -25.43 9.11
C LEU A 299 -8.08 -26.04 8.49
N ARG A 300 -8.15 -27.30 8.08
CA ARG A 300 -7.00 -27.97 7.50
C ARG A 300 -6.51 -27.26 6.25
N TYR A 301 -7.43 -26.95 5.34
CA TYR A 301 -7.06 -26.28 4.11
C TYR A 301 -6.70 -24.82 4.33
N SER A 302 -7.22 -24.20 5.39
CA SER A 302 -6.79 -22.85 5.72
C SER A 302 -5.36 -22.83 6.23
N LEU A 303 -4.98 -23.82 7.05
CA LEU A 303 -3.58 -23.94 7.45
C LEU A 303 -2.68 -24.27 6.27
N ARG A 304 -3.16 -25.09 5.34
CA ARG A 304 -2.39 -25.34 4.12
C ARG A 304 -2.22 -24.06 3.31
N SER A 305 -3.28 -23.25 3.22
CA SER A 305 -3.19 -21.98 2.51
C SER A 305 -2.21 -21.02 3.18
N ILE A 306 -2.17 -21.03 4.52
CA ILE A 306 -1.20 -20.20 5.22
C ILE A 306 0.22 -20.69 4.91
N GLU A 307 0.43 -22.01 4.93
CA GLU A 307 1.76 -22.54 4.67
C GLU A 307 2.19 -22.26 3.23
N ARG A 308 1.25 -22.19 2.30
CA ARG A 308 1.57 -21.98 0.89
C ARG A 308 1.70 -20.51 0.52
N HIS A 309 0.80 -19.65 1.00
CA HIS A 309 0.71 -18.27 0.57
C HIS A 309 1.20 -17.26 1.58
N ALA A 310 1.28 -17.61 2.87
CA ALA A 310 1.73 -16.71 3.91
C ALA A 310 2.82 -17.38 4.73
N PRO A 311 3.99 -17.65 4.13
CA PRO A 311 5.06 -18.32 4.88
C PRO A 311 5.77 -17.44 5.88
N TRP A 312 5.43 -16.15 5.95
CA TRP A 312 6.07 -15.21 6.86
C TRP A 312 5.44 -15.20 8.24
N VAL A 313 4.36 -15.95 8.46
CA VAL A 313 3.70 -15.99 9.75
C VAL A 313 4.59 -16.68 10.77
N ARG A 314 4.65 -16.13 11.98
CA ARG A 314 5.51 -16.70 13.02
C ARG A 314 4.85 -17.90 13.70
N ASN A 315 3.72 -17.67 14.37
CA ASN A 315 3.05 -18.70 15.14
C ASN A 315 1.56 -18.71 14.80
N ILE A 316 0.91 -19.82 15.10
CA ILE A 316 -0.52 -19.99 14.89
C ILE A 316 -1.16 -20.37 16.22
N PHE A 317 -2.24 -19.68 16.57
CA PHE A 317 -3.03 -19.98 17.76
C PHE A 317 -4.43 -20.37 17.34
N ILE A 318 -4.94 -21.46 17.89
CA ILE A 318 -6.30 -21.91 17.63
C ILE A 318 -7.04 -21.95 18.95
N VAL A 319 -8.18 -21.25 19.01
CA VAL A 319 -9.00 -21.17 20.21
C VAL A 319 -10.17 -22.13 20.01
N THR A 320 -10.09 -23.29 20.68
CA THR A 320 -10.85 -24.45 20.27
C THR A 320 -11.95 -24.87 21.24
N ASN A 321 -12.27 -24.06 22.26
CA ASN A 321 -13.28 -24.44 23.25
C ASN A 321 -12.86 -25.74 23.95
N GLY A 322 -11.55 -25.88 24.18
CA GLY A 322 -11.00 -27.03 24.85
C GLY A 322 -10.75 -28.24 23.97
N GLN A 323 -11.32 -28.26 22.77
CA GLN A 323 -11.17 -29.38 21.86
C GLN A 323 -9.78 -29.36 21.21
N ILE A 324 -9.45 -30.44 20.51
CA ILE A 324 -8.23 -30.53 19.73
C ILE A 324 -8.59 -31.19 18.40
N PRO A 325 -8.23 -30.61 17.26
CA PRO A 325 -8.45 -31.30 15.98
C PRO A 325 -7.71 -32.62 15.96
N SER A 326 -8.36 -33.63 15.39
CA SER A 326 -7.76 -34.97 15.38
C SER A 326 -6.48 -35.00 14.56
N TRP A 327 -6.46 -34.27 13.45
CA TRP A 327 -5.32 -34.27 12.54
C TRP A 327 -4.21 -33.31 12.95
N LEU A 328 -4.45 -32.44 13.94
CA LEU A 328 -3.47 -31.42 14.29
C LEU A 328 -2.23 -32.06 14.90
N ASN A 329 -1.06 -31.56 14.49
CA ASN A 329 0.23 -32.05 14.96
C ASN A 329 0.69 -31.14 16.09
N LEU A 330 0.36 -31.51 17.32
CA LEU A 330 0.70 -30.67 18.47
C LEU A 330 2.20 -30.60 18.73
N ASP A 331 2.97 -31.54 18.18
CA ASP A 331 4.42 -31.52 18.40
C ASP A 331 5.09 -30.38 17.66
N ASN A 332 4.41 -29.77 16.70
CA ASN A 332 4.98 -28.63 15.99
C ASN A 332 4.97 -27.42 16.91
N PRO A 333 6.13 -26.79 17.18
CA PRO A 333 6.16 -25.67 18.12
C PRO A 333 5.57 -24.39 17.57
N ARG A 334 5.11 -24.35 16.32
CA ARG A 334 4.56 -23.14 15.74
C ARG A 334 3.04 -23.15 15.68
N VAL A 335 2.39 -24.19 16.20
CA VAL A 335 0.94 -24.22 16.33
C VAL A 335 0.60 -24.52 17.77
N THR A 336 -0.34 -23.75 18.34
CA THR A 336 -0.66 -23.84 19.75
C THR A 336 -2.17 -23.78 19.94
N ILE A 337 -2.66 -24.64 20.83
CA ILE A 337 -4.06 -24.66 21.21
C ILE A 337 -4.23 -23.82 22.47
N VAL A 338 -5.06 -22.78 22.39
CA VAL A 338 -5.39 -21.94 23.54
C VAL A 338 -6.88 -22.10 23.81
N THR A 339 -7.22 -22.40 25.05
CA THR A 339 -8.59 -22.69 25.43
C THR A 339 -9.26 -21.44 25.99
N HIS A 340 -10.59 -21.51 26.09
CA HIS A 340 -11.33 -20.39 26.66
C HIS A 340 -10.95 -20.11 28.11
N GLN A 341 -10.34 -21.07 28.80
CA GLN A 341 -9.90 -20.85 30.17
C GLN A 341 -8.87 -19.74 30.24
N ASP A 342 -7.90 -19.75 29.32
CA ASP A 342 -6.82 -18.79 29.31
C ASP A 342 -7.14 -17.53 28.52
N VAL A 343 -8.36 -17.43 27.99
CA VAL A 343 -8.75 -16.35 27.09
C VAL A 343 -9.76 -15.42 27.75
N PHE A 344 -10.81 -15.97 28.36
CA PHE A 344 -11.81 -15.15 29.01
C PHE A 344 -11.27 -14.55 30.31
N ARG A 345 -11.75 -13.35 30.63
CA ARG A 345 -11.28 -12.65 31.83
C ARG A 345 -11.73 -13.37 33.09
N ASN A 346 -13.00 -13.75 33.17
CA ASN A 346 -13.49 -14.59 34.25
C ASN A 346 -14.20 -15.80 33.69
N LEU A 347 -14.13 -16.89 34.45
CA LEU A 347 -14.58 -18.21 34.00
C LEU A 347 -16.07 -18.44 34.25
N SER A 348 -16.85 -17.37 34.36
CA SER A 348 -18.26 -17.50 34.69
C SER A 348 -19.13 -17.81 33.49
N HIS A 349 -18.63 -17.65 32.26
CA HIS A 349 -19.39 -17.95 31.06
C HIS A 349 -18.53 -18.74 30.08
N LEU A 350 -17.84 -19.75 30.60
CA LEU A 350 -17.01 -20.61 29.75
C LEU A 350 -17.80 -21.35 28.67
N PRO A 351 -18.98 -21.95 28.95
CA PRO A 351 -19.72 -22.60 27.85
C PRO A 351 -20.21 -21.56 26.86
N THR A 352 -19.31 -21.09 26.01
CA THR A 352 -19.56 -19.87 25.25
C THR A 352 -20.51 -20.12 24.09
N PHE A 353 -20.11 -20.95 23.13
CA PHE A 353 -20.91 -21.25 21.94
C PHE A 353 -21.28 -19.98 21.17
N SER A 354 -20.48 -18.93 21.31
CA SER A 354 -20.76 -17.63 20.68
C SER A 354 -19.46 -17.10 20.10
N SER A 355 -19.41 -16.94 18.78
CA SER A 355 -18.21 -16.40 18.15
C SER A 355 -17.87 -14.97 18.59
N PRO A 356 -18.82 -14.02 18.67
CA PRO A 356 -18.43 -12.68 19.14
C PRO A 356 -17.82 -12.66 20.53
N ALA A 357 -18.32 -13.49 21.45
CA ALA A 357 -17.75 -13.53 22.79
C ALA A 357 -16.32 -14.05 22.78
N ILE A 358 -16.04 -15.08 21.98
CA ILE A 358 -14.69 -15.61 21.88
C ILE A 358 -13.77 -14.60 21.20
N GLU A 359 -14.30 -13.86 20.23
CA GLU A 359 -13.50 -12.86 19.52
C GLU A 359 -13.24 -11.62 20.36
N SER A 360 -14.08 -11.35 21.37
CA SER A 360 -13.85 -10.21 22.26
C SER A 360 -12.60 -10.37 23.11
N HIS A 361 -12.03 -11.57 23.22
CA HIS A 361 -10.86 -11.80 24.05
C HIS A 361 -9.68 -12.36 23.28
N ILE A 362 -9.72 -12.30 21.94
CA ILE A 362 -8.65 -12.88 21.13
C ILE A 362 -7.32 -12.20 21.42
N HIS A 363 -7.33 -10.88 21.60
CA HIS A 363 -6.10 -10.13 21.83
C HIS A 363 -5.43 -10.45 23.15
N ARG A 364 -6.10 -11.17 24.06
CA ARG A 364 -5.55 -11.45 25.37
C ARG A 364 -4.64 -12.67 25.40
N ILE A 365 -4.38 -13.30 24.25
CA ILE A 365 -3.52 -14.47 24.22
C ILE A 365 -2.11 -14.11 24.66
N GLU A 366 -1.57 -14.89 25.59
CA GLU A 366 -0.23 -14.63 26.09
C GLU A 366 0.81 -14.96 25.03
N GLY A 367 1.77 -14.07 24.84
CA GLY A 367 2.79 -14.24 23.82
C GLY A 367 2.38 -13.83 22.43
N LEU A 368 1.15 -13.37 22.24
CA LEU A 368 0.68 -12.94 20.93
C LEU A 368 1.40 -11.67 20.49
N SER A 369 1.69 -11.59 19.20
CA SER A 369 2.34 -10.40 18.65
C SER A 369 1.38 -9.21 18.70
N GLN A 370 1.97 -8.01 18.72
CA GLN A 370 1.16 -6.79 18.83
C GLN A 370 0.20 -6.66 17.65
N LYS A 371 0.68 -6.91 16.45
CA LYS A 371 -0.17 -6.99 15.26
C LYS A 371 -0.29 -8.45 14.86
N PHE A 372 -1.53 -8.92 14.72
CA PHE A 372 -1.79 -10.31 14.38
C PHE A 372 -3.00 -10.34 13.47
N ILE A 373 -3.09 -11.39 12.68
CA ILE A 373 -4.20 -11.59 11.75
C ILE A 373 -5.14 -12.62 12.35
N TYR A 374 -6.41 -12.26 12.48
CA TYR A 374 -7.41 -13.17 13.02
C TYR A 374 -8.09 -13.91 11.88
N LEU A 375 -7.97 -15.23 11.89
CA LEU A 375 -8.54 -16.08 10.85
C LEU A 375 -9.81 -16.72 11.37
N ASN A 376 -10.81 -16.82 10.50
CA ASN A 376 -12.14 -17.28 10.86
C ASN A 376 -12.34 -18.76 10.59
N ASP A 377 -11.26 -19.50 10.33
CA ASP A 377 -11.26 -20.96 10.18
C ASP A 377 -12.02 -21.42 8.94
N ASP A 378 -12.73 -20.52 8.28
CA ASP A 378 -13.33 -20.79 6.99
C ASP A 378 -12.89 -19.80 5.93
N VAL A 379 -12.17 -18.77 6.31
CA VAL A 379 -11.49 -17.88 5.37
C VAL A 379 -10.09 -18.42 5.15
N MET A 380 -9.56 -18.24 3.95
CA MET A 380 -8.23 -18.73 3.63
C MET A 380 -7.58 -17.81 2.62
N PHE A 381 -6.25 -17.89 2.54
CA PHE A 381 -5.48 -17.15 1.57
C PHE A 381 -5.57 -17.84 0.21
N GLY A 382 -5.92 -17.08 -0.82
CA GLY A 382 -6.20 -17.67 -2.11
C GLY A 382 -5.09 -17.56 -3.13
N LYS A 383 -4.42 -16.41 -3.24
CA LYS A 383 -3.45 -16.19 -4.30
C LYS A 383 -2.03 -16.06 -3.75
N ASP A 384 -1.74 -14.98 -3.02
CA ASP A 384 -0.48 -14.83 -2.28
C ASP A 384 -0.58 -13.55 -1.46
N VAL A 385 -0.26 -13.61 -0.17
CA VAL A 385 -0.45 -12.45 0.69
C VAL A 385 0.87 -12.10 1.35
N TRP A 386 1.04 -10.82 1.62
CA TRP A 386 2.19 -10.27 2.30
C TRP A 386 1.67 -9.24 3.31
N PRO A 387 2.49 -8.90 4.32
CA PRO A 387 2.03 -7.88 5.27
C PRO A 387 1.66 -6.55 4.64
N ASP A 388 2.12 -6.29 3.41
CA ASP A 388 1.69 -5.12 2.67
C ASP A 388 0.18 -5.13 2.42
N ASP A 389 -0.42 -6.32 2.34
CA ASP A 389 -1.85 -6.43 2.11
C ASP A 389 -2.68 -6.08 3.34
N PHE A 390 -2.05 -5.92 4.49
CA PHE A 390 -2.74 -5.58 5.73
C PHE A 390 -2.29 -4.25 6.32
N TYR A 391 -1.00 -3.90 6.19
CA TYR A 391 -0.47 -2.73 6.87
C TYR A 391 0.63 -2.10 6.04
N SER A 392 0.68 -0.78 6.05
CA SER A 392 1.78 -0.01 5.51
C SER A 392 2.14 1.08 6.50
N HIS A 393 3.43 1.34 6.67
CA HIS A 393 3.85 2.35 7.64
C HIS A 393 3.35 3.73 7.25
N SER A 394 3.32 4.04 5.95
CA SER A 394 2.92 5.37 5.51
C SER A 394 1.42 5.58 5.69
N LYS A 395 0.60 4.60 5.29
CA LYS A 395 -0.85 4.79 5.30
C LYS A 395 -1.56 3.92 6.34
N GLY A 396 -0.84 3.24 7.21
CA GLY A 396 -1.49 2.50 8.28
C GLY A 396 -2.19 1.24 7.79
N GLN A 397 -3.11 0.76 8.63
CA GLN A 397 -3.85 -0.45 8.32
C GLN A 397 -4.76 -0.25 7.12
N LYS A 398 -4.83 -1.27 6.28
CA LYS A 398 -5.77 -1.28 5.16
C LYS A 398 -7.12 -1.77 5.65
N VAL A 399 -8.18 -1.06 5.27
CA VAL A 399 -9.54 -1.39 5.67
C VAL A 399 -10.32 -1.75 4.42
N TYR A 400 -10.85 -2.97 4.39
CA TYR A 400 -11.62 -3.47 3.25
C TYR A 400 -13.09 -3.39 3.61
N LEU A 401 -13.83 -2.54 2.90
CA LEU A 401 -15.25 -2.31 3.16
C LEU A 401 -16.06 -2.74 1.94
N THR A 402 -17.25 -3.28 2.19
CA THR A 402 -18.04 -3.90 1.12
C THR A 402 -19.32 -3.14 0.81
N TRP A 403 -20.23 -3.01 1.77
CA TRP A 403 -21.51 -2.38 1.50
C TRP A 403 -21.96 -1.63 2.75
N PRO A 404 -22.77 -0.58 2.59
CA PRO A 404 -23.24 0.17 3.76
C PRO A 404 -24.13 -0.69 4.65
N VAL A 405 -24.10 -0.37 5.94
CA VAL A 405 -24.88 -1.08 6.93
C VAL A 405 -26.37 -0.97 6.64
N THR A 900 -29.21 -11.61 12.47
CA THR A 900 -28.51 -11.40 13.73
C THR A 900 -27.21 -10.63 13.51
N PHE A 901 -26.47 -11.00 12.47
CA PHE A 901 -25.27 -10.26 12.10
C PHE A 901 -25.61 -8.82 11.73
N ALA A 902 -26.67 -8.63 10.93
CA ALA A 902 -27.08 -7.28 10.56
C ALA A 902 -27.61 -6.52 11.79
N ASP A 903 -28.30 -7.21 12.69
CA ASP A 903 -28.77 -6.55 13.91
C ASP A 903 -27.60 -6.10 14.77
N SER A 904 -26.58 -6.94 14.89
CA SER A 904 -25.38 -6.53 15.63
C SER A 904 -24.68 -5.36 14.95
N LEU A 905 -24.64 -5.36 13.62
CA LEU A 905 -24.08 -4.23 12.90
C LEU A 905 -24.84 -2.95 13.19
N ARG A 906 -26.17 -3.02 13.19
CA ARG A 906 -26.97 -1.83 13.50
C ARG A 906 -26.77 -1.39 14.94
N TYR A 907 -26.64 -2.33 15.87
CA TYR A 907 -26.41 -1.99 17.27
C TYR A 907 -25.08 -1.26 17.45
N VAL A 908 -24.01 -1.79 16.86
CA VAL A 908 -22.72 -1.13 16.95
C VAL A 908 -22.74 0.19 16.20
N ASN A 909 -23.50 0.29 15.11
CA ASN A 909 -23.62 1.55 14.39
C ASN A 909 -24.28 2.62 15.25
N LYS A 910 -25.32 2.24 16.00
CA LYS A 910 -25.93 3.19 16.92
C LYS A 910 -24.97 3.61 18.03
N ILE A 911 -24.21 2.64 18.55
CA ILE A 911 -23.23 2.99 19.59
C ILE A 911 -22.20 3.97 19.05
N LEU A 912 -21.71 3.73 17.83
CA LEU A 912 -20.70 4.62 17.25
C LEU A 912 -21.30 5.97 16.87
N ASN A 913 -22.56 6.02 16.48
CA ASN A 913 -23.21 7.31 16.24
C ASN A 913 -23.31 8.10 17.53
N SER A 914 -23.63 7.43 18.65
CA SER A 914 -23.67 8.11 19.94
C SER A 914 -22.29 8.60 20.36
N LYS A 915 -21.25 7.80 20.12
CA LYS A 915 -19.92 8.16 20.61
C LYS A 915 -19.22 9.16 19.70
N PHE A 916 -18.95 8.78 18.46
CA PHE A 916 -18.15 9.58 17.54
C PHE A 916 -18.97 10.49 16.63
N GLY A 917 -20.29 10.40 16.66
CA GLY A 917 -21.12 11.22 15.81
C GLY A 917 -21.59 10.48 14.57
N PHE A 918 -22.67 11.01 13.98
CA PHE A 918 -23.30 10.35 12.85
C PHE A 918 -22.38 10.35 11.63
N THR A 919 -22.36 9.22 10.92
CA THR A 919 -21.67 9.11 9.64
C THR A 919 -22.19 7.84 8.95
N SER A 920 -21.91 7.74 7.66
CA SER A 920 -22.24 6.54 6.91
C SER A 920 -21.13 5.51 7.07
N ARG A 921 -21.52 4.29 7.41
CA ARG A 921 -20.56 3.22 7.70
C ARG A 921 -20.83 2.02 6.81
N LYS A 922 -19.78 1.27 6.51
CA LYS A 922 -19.85 0.08 5.69
C LYS A 922 -19.16 -1.07 6.41
N VAL A 923 -19.79 -2.24 6.36
CA VAL A 923 -19.28 -3.40 7.13
C VAL A 923 -17.98 -3.88 6.51
N PRO A 924 -16.99 -4.26 7.30
CA PRO A 924 -15.76 -4.83 6.74
C PRO A 924 -16.02 -6.18 6.10
N ALA A 925 -15.15 -6.53 5.15
CA ALA A 925 -15.30 -7.76 4.39
C ALA A 925 -15.02 -8.98 5.26
N HIS A 926 -15.63 -10.10 4.89
CA HIS A 926 -15.35 -11.39 5.52
C HIS A 926 -14.00 -11.89 5.03
N MET A 927 -12.97 -11.69 5.83
CA MET A 927 -11.60 -11.93 5.36
C MET A 927 -10.70 -12.03 6.57
N PRO A 928 -9.45 -12.48 6.38
CA PRO A 928 -8.46 -12.38 7.46
C PRO A 928 -8.26 -10.95 7.91
N HIS A 929 -8.58 -10.66 9.17
CA HIS A 929 -8.53 -9.31 9.71
C HIS A 929 -7.26 -9.12 10.53
N MET A 930 -6.46 -8.12 10.18
CA MET A 930 -5.31 -7.76 10.99
C MET A 930 -5.76 -6.89 12.15
N ILE A 931 -5.36 -7.27 13.36
CA ILE A 931 -5.78 -6.61 14.59
C ILE A 931 -4.54 -6.21 15.36
N ASP A 932 -4.55 -4.98 15.89
CA ASP A 932 -3.51 -4.52 16.80
C ASP A 932 -4.01 -4.69 18.22
N ARG A 933 -3.17 -5.29 19.07
CA ARG A 933 -3.57 -5.55 20.45
C ARG A 933 -3.83 -4.26 21.21
N ILE A 934 -2.98 -3.25 21.01
CA ILE A 934 -3.14 -1.99 21.73
C ILE A 934 -4.42 -1.29 21.33
N VAL A 935 -4.71 -1.23 20.02
CA VAL A 935 -5.92 -0.56 19.56
C VAL A 935 -7.15 -1.28 20.06
N MET A 936 -7.14 -2.62 20.03
CA MET A 936 -8.28 -3.38 20.51
C MET A 936 -8.48 -3.19 22.02
N GLN A 937 -7.38 -3.17 22.78
CA GLN A 937 -7.49 -2.94 24.22
C GLN A 937 -8.02 -1.55 24.52
N GLU A 938 -7.58 -0.54 23.77
CA GLU A 938 -8.12 0.80 23.95
C GLU A 938 -9.60 0.86 23.61
N LEU A 939 -10.00 0.17 22.54
CA LEU A 939 -11.41 0.13 22.16
C LEU A 939 -12.24 -0.51 23.25
N GLN A 940 -11.75 -1.60 23.86
CA GLN A 940 -12.51 -2.28 24.89
C GLN A 940 -12.50 -1.51 26.21
N ASP A 941 -11.44 -0.75 26.48
CA ASP A 941 -11.44 0.16 27.62
C ASP A 941 -12.43 1.30 27.41
N MET A 942 -12.61 1.74 26.17
CA MET A 942 -13.55 2.82 25.88
C MET A 942 -15.00 2.37 26.01
N PHE A 943 -15.29 1.09 25.80
CA PHE A 943 -16.66 0.56 25.89
C PHE A 943 -16.68 -0.68 26.78
N PRO A 944 -16.40 -0.54 28.08
CA PRO A 944 -16.25 -1.73 28.91
C PRO A 944 -17.55 -2.49 29.14
N GLU A 945 -18.66 -1.77 29.31
CA GLU A 945 -19.91 -2.41 29.69
C GLU A 945 -20.44 -3.31 28.57
N GLU A 946 -20.50 -2.79 27.34
CA GLU A 946 -21.05 -3.61 26.26
C GLU A 946 -20.08 -4.67 25.77
N PHE A 947 -18.77 -4.49 25.96
CA PHE A 947 -17.85 -5.57 25.66
C PHE A 947 -17.96 -6.69 26.69
N ASP A 948 -18.16 -6.36 27.96
CA ASP A 948 -18.44 -7.41 28.94
C ASP A 948 -19.77 -8.08 28.63
N LYS A 949 -20.76 -7.30 28.18
CA LYS A 949 -22.05 -7.84 27.81
C LYS A 949 -21.92 -8.86 26.69
N THR A 950 -21.26 -8.49 25.60
CA THR A 950 -21.03 -9.45 24.52
C THR A 950 -20.13 -10.59 24.97
N SER A 951 -19.31 -10.38 26.00
CA SER A 951 -18.47 -11.46 26.52
C SER A 951 -19.31 -12.52 27.21
N PHE A 952 -20.27 -12.13 28.05
CA PHE A 952 -20.96 -13.13 28.86
C PHE A 952 -22.17 -13.74 28.17
N HIS A 953 -22.45 -13.37 26.93
CA HIS A 953 -23.52 -14.05 26.19
C HIS A 953 -23.10 -15.47 25.84
N LYS A 954 -24.02 -16.42 26.05
CA LYS A 954 -23.77 -17.81 25.72
C LYS A 954 -24.29 -18.19 24.33
N VAL A 955 -24.90 -17.26 23.62
CA VAL A 955 -25.35 -17.48 22.25
C VAL A 955 -25.15 -16.16 21.50
N ARG A 956 -24.77 -16.26 20.22
CA ARG A 956 -24.72 -15.11 19.35
C ARG A 956 -25.99 -14.30 19.48
N HIS A 957 -25.86 -13.04 19.90
CA HIS A 957 -26.98 -12.21 20.32
C HIS A 957 -27.20 -11.08 19.33
N SER A 958 -28.44 -10.60 19.28
CA SER A 958 -28.77 -9.47 18.41
C SER A 958 -27.99 -8.22 18.80
N GLU A 959 -27.84 -7.97 20.09
CA GLU A 959 -27.16 -6.78 20.60
C GLU A 959 -25.82 -7.19 21.20
N ASP A 960 -24.80 -7.25 20.36
CA ASP A 960 -23.44 -7.51 20.81
C ASP A 960 -22.46 -6.87 19.85
N MET A 961 -21.26 -6.60 20.34
CA MET A 961 -20.28 -5.83 19.58
C MET A 961 -19.62 -6.70 18.52
N GLN A 962 -19.82 -6.37 17.25
CA GLN A 962 -19.21 -7.11 16.17
C GLN A 962 -17.70 -6.89 16.18
N PHE A 963 -16.95 -7.97 15.92
CA PHE A 963 -15.50 -7.94 16.12
C PHE A 963 -14.82 -7.00 15.14
N ALA A 964 -15.11 -7.13 13.85
CA ALA A 964 -14.37 -6.36 12.85
C ALA A 964 -14.93 -4.95 12.71
N PHE A 965 -16.26 -4.82 12.72
CA PHE A 965 -16.88 -3.51 12.56
C PHE A 965 -16.44 -2.54 13.65
N SER A 966 -16.51 -2.99 14.91
CA SER A 966 -16.14 -2.13 16.03
C SER A 966 -14.67 -1.73 15.96
N TYR A 967 -13.78 -2.70 15.72
CA TYR A 967 -12.35 -2.40 15.70
C TYR A 967 -12.01 -1.45 14.57
N PHE A 968 -12.55 -1.69 13.37
CA PHE A 968 -12.15 -0.87 12.24
C PHE A 968 -12.74 0.52 12.30
N TYR A 969 -13.97 0.66 12.81
CA TYR A 969 -14.54 1.99 12.95
C TYR A 969 -14.16 2.65 14.26
N TYR A 970 -13.39 1.99 15.12
CA TYR A 970 -12.68 2.71 16.16
C TYR A 970 -11.31 3.18 15.67
N LEU A 971 -10.65 2.36 14.85
CA LEU A 971 -9.39 2.78 14.24
C LEU A 971 -9.61 3.98 13.32
N MET A 972 -10.72 3.99 12.58
CA MET A 972 -11.00 5.06 11.63
C MET A 972 -11.67 6.27 12.27
N SER A 973 -12.05 6.20 13.55
CA SER A 973 -12.77 7.29 14.19
C SER A 973 -12.10 7.83 15.44
N ALA A 974 -11.08 7.17 15.96
CA ALA A 974 -10.39 7.67 17.15
C ALA A 974 -9.67 8.97 16.83
N VAL A 975 -10.12 10.06 17.44
CA VAL A 975 -9.55 11.37 17.22
C VAL A 975 -8.58 11.68 18.35
N GLN A 976 -7.60 12.54 18.06
CA GLN A 976 -6.61 12.92 19.03
C GLN A 976 -6.76 14.40 19.39
N PRO A 977 -6.74 14.76 20.66
CA PRO A 977 -6.93 16.16 21.04
C PRO A 977 -5.81 17.04 20.49
N LEU A 978 -6.19 18.27 20.12
CA LEU A 978 -5.23 19.20 19.52
C LEU A 978 -4.18 19.63 20.53
N ASN A 979 -2.94 19.69 20.07
CA ASN A 979 -1.79 20.01 20.91
C ASN A 979 -1.17 21.32 20.40
N ILE A 980 -1.27 22.37 21.21
CA ILE A 980 -0.81 23.69 20.78
C ILE A 980 0.70 23.71 20.64
N SER A 981 1.42 23.01 21.53
CA SER A 981 2.87 22.94 21.42
C SER A 981 3.30 22.32 20.09
N GLN A 982 2.60 21.27 19.67
CA GLN A 982 2.93 20.63 18.40
C GLN A 982 2.66 21.57 17.23
N VAL A 983 1.56 22.33 17.29
CA VAL A 983 1.26 23.28 16.24
C VAL A 983 2.34 24.35 16.16
N PHE A 984 2.77 24.87 17.30
CA PHE A 984 3.84 25.87 17.30
C PHE A 984 5.13 25.28 16.74
N ASP A 985 5.47 24.06 17.13
CA ASP A 985 6.70 23.44 16.64
C ASP A 985 6.64 23.20 15.14
N GLU A 986 5.48 22.85 14.61
CA GLU A 986 5.35 22.63 13.17
C GLU A 986 5.25 23.94 12.40
N VAL A 987 4.95 25.04 13.07
CA VAL A 987 4.99 26.35 12.42
C VAL A 987 6.36 27.00 12.57
N ASP A 988 6.99 26.84 13.74
CA ASP A 988 8.31 27.40 13.99
C ASP A 988 9.35 26.48 13.36
N THR A 989 9.53 26.61 12.04
CA THR A 989 10.46 25.77 11.32
C THR A 989 11.91 26.11 11.63
N ASP A 990 12.17 27.29 12.21
CA ASP A 990 13.52 27.65 12.61
C ASP A 990 14.03 26.82 13.79
N GLN A 991 13.13 26.16 14.51
CA GLN A 991 13.48 25.42 15.73
C GLN A 991 14.14 26.35 16.75
N SER A 992 13.65 27.59 16.81
CA SER A 992 14.20 28.61 17.70
C SER A 992 13.29 28.97 18.85
N GLY A 993 12.01 28.64 18.77
CA GLY A 993 11.05 28.99 19.80
C GLY A 993 10.35 30.31 19.62
N VAL A 994 10.76 31.11 18.63
CA VAL A 994 10.17 32.41 18.36
C VAL A 994 9.70 32.44 16.92
N LEU A 995 8.45 32.84 16.71
CA LEU A 995 7.89 32.92 15.36
C LEU A 995 8.41 34.15 14.65
N SER A 996 9.01 33.95 13.48
CA SER A 996 9.40 35.06 12.62
C SER A 996 8.20 35.53 11.82
N ASP A 997 8.40 36.60 11.04
CA ASP A 997 7.31 37.14 10.24
C ASP A 997 6.80 36.11 9.23
N ARG A 998 7.71 35.38 8.59
CA ARG A 998 7.30 34.31 7.67
C ARG A 998 6.54 33.21 8.41
N GLU A 999 7.01 32.83 9.60
CA GLU A 999 6.33 31.80 10.36
C GLU A 999 4.98 32.30 10.89
N ILE A 1000 4.90 33.58 11.24
CA ILE A 1000 3.62 34.16 11.62
C ILE A 1000 2.65 34.14 10.45
N ARG A 1001 3.15 34.40 9.24
CA ARG A 1001 2.29 34.33 8.07
C ARG A 1001 1.83 32.90 7.82
N THR A 1002 2.71 31.93 8.04
CA THR A 1002 2.30 30.53 7.91
C THR A 1002 1.20 30.20 8.91
N LEU A 1003 1.35 30.64 10.16
CA LEU A 1003 0.33 30.41 11.17
C LEU A 1003 -0.99 31.09 10.81
N ALA A 1004 -0.91 32.31 10.29
CA ALA A 1004 -2.12 33.01 9.87
C ALA A 1004 -2.83 32.28 8.74
N THR A 1005 -2.06 31.74 7.80
CA THR A 1005 -2.66 30.94 6.73
C THR A 1005 -3.31 29.68 7.28
N ARG A 1006 -2.67 29.03 8.25
CA ARG A 1006 -3.26 27.85 8.87
C ARG A 1006 -4.57 28.18 9.56
N ILE A 1007 -4.61 29.32 10.27
CA ILE A 1007 -5.79 29.67 11.07
C ILE A 1007 -6.89 30.23 10.19
N HIS A 1008 -6.62 31.31 9.49
CA HIS A 1008 -7.66 31.99 8.72
C HIS A 1008 -7.97 31.26 7.44
N GLU A 1009 -9.12 31.58 6.86
CA GLU A 1009 -9.55 31.01 5.59
C GLU A 1009 -8.98 31.83 4.45
N LEU A 1010 -8.51 31.13 3.42
CA LEU A 1010 -7.90 31.81 2.28
C LEU A 1010 -8.96 32.54 1.45
N PRO A 1011 -8.58 33.64 0.79
CA PRO A 1011 -7.26 34.27 0.76
C PRO A 1011 -6.93 35.03 2.04
N LEU A 1012 -5.65 35.06 2.44
CA LEU A 1012 -5.24 35.73 3.66
C LEU A 1012 -5.07 37.22 3.36
N SER A 1013 -6.11 38.00 3.67
CA SER A 1013 -6.03 39.44 3.48
C SER A 1013 -5.10 40.07 4.52
N LEU A 1014 -4.62 41.27 4.21
CA LEU A 1014 -3.79 41.99 5.17
C LEU A 1014 -4.58 42.28 6.45
N GLN A 1015 -5.90 42.41 6.34
CA GLN A 1015 -6.72 42.66 7.53
C GLN A 1015 -6.63 41.51 8.52
N ASP A 1016 -6.67 40.27 8.04
CA ASP A 1016 -6.61 39.12 8.92
C ASP A 1016 -5.27 39.02 9.64
N LEU A 1017 -4.17 39.20 8.90
CA LEU A 1017 -2.85 39.14 9.51
C LEU A 1017 -2.66 40.28 10.51
N THR A 1018 -3.14 41.48 10.16
CA THR A 1018 -3.05 42.61 11.08
C THR A 1018 -3.86 42.34 12.35
N GLY A 1019 -5.05 41.75 12.21
CA GLY A 1019 -5.83 41.40 13.37
C GLY A 1019 -5.14 40.37 14.25
N LEU A 1020 -4.51 39.37 13.63
CA LEU A 1020 -3.75 38.39 14.40
C LEU A 1020 -2.61 39.05 15.16
N GLU A 1021 -1.89 39.96 14.50
CA GLU A 1021 -0.80 40.67 15.16
C GLU A 1021 -1.31 41.53 16.31
N HIS A 1022 -2.46 42.18 16.11
CA HIS A 1022 -3.06 42.98 17.18
C HIS A 1022 -3.45 42.12 18.37
N MET A 1023 -4.03 40.94 18.10
CA MET A 1023 -4.40 40.03 19.18
C MET A 1023 -3.16 39.58 19.95
N LEU A 1024 -2.09 39.25 19.23
CA LEU A 1024 -0.85 38.84 19.91
C LEU A 1024 -0.30 39.98 20.76
N ILE A 1025 -0.30 41.21 20.24
CA ILE A 1025 0.24 42.34 20.98
C ILE A 1025 -0.60 42.61 22.23
N ASN A 1026 -1.93 42.61 22.07
CA ASN A 1026 -2.81 42.83 23.22
C ASN A 1026 -2.59 41.80 24.30
N CYS A 1027 -2.59 40.51 23.93
CA CYS A 1027 -2.43 39.47 24.93
C CYS A 1027 -1.02 39.46 25.52
N SER A 1028 -0.02 39.97 24.80
CA SER A 1028 1.28 40.15 25.41
C SER A 1028 1.26 41.28 26.44
N LYS A 1029 0.50 42.34 26.16
CA LYS A 1029 0.36 43.43 27.12
C LYS A 1029 -0.38 42.97 28.37
N MET A 1030 -1.37 42.09 28.21
CA MET A 1030 -2.12 41.61 29.37
C MET A 1030 -1.22 40.87 30.36
N LEU A 1031 -0.31 40.03 29.86
CA LEU A 1031 0.62 39.30 30.71
C LEU A 1031 1.91 39.02 29.96
N GLU A 1046 15.52 39.19 13.08
CA GLU A 1046 14.39 38.91 13.95
C GLU A 1046 13.57 40.17 14.22
N SER A 1047 13.63 41.10 13.28
CA SER A 1047 12.91 42.37 13.41
C SER A 1047 11.55 42.25 12.74
N TYR A 1048 10.49 42.37 13.53
CA TYR A 1048 9.14 42.26 12.99
C TYR A 1048 8.76 43.52 12.21
N TYR A 1049 7.72 43.39 11.38
CA TYR A 1049 7.21 44.55 10.67
C TYR A 1049 6.64 45.58 11.63
N ASP A 1050 5.93 45.13 12.66
CA ASP A 1050 5.45 46.04 13.69
C ASP A 1050 6.56 46.29 14.70
N PRO A 1051 6.98 47.53 14.92
CA PRO A 1051 8.03 47.80 15.91
C PRO A 1051 7.62 47.45 17.33
N ASN A 1052 6.32 47.48 17.64
CA ASN A 1052 5.83 47.19 18.98
C ASN A 1052 5.43 45.73 19.16
N LEU A 1053 5.63 44.90 18.15
CA LEU A 1053 5.26 43.49 18.26
C LEU A 1053 6.34 42.74 19.04
N PRO A 1054 5.99 42.10 20.16
CA PRO A 1054 7.00 41.40 20.96
C PRO A 1054 7.41 40.10 20.31
N PRO A 1055 8.52 39.49 20.74
CA PRO A 1055 8.88 38.18 20.20
C PRO A 1055 7.80 37.15 20.51
N VAL A 1056 7.30 36.50 19.47
CA VAL A 1056 6.19 35.55 19.60
C VAL A 1056 6.75 34.21 20.05
N THR A 1057 6.80 34.00 21.35
CA THR A 1057 7.33 32.77 21.93
C THR A 1057 6.21 31.73 22.04
N LYS A 1058 6.62 30.47 22.25
CA LYS A 1058 5.64 29.40 22.39
C LYS A 1058 4.74 29.63 23.60
N SER A 1059 5.33 30.07 24.71
CA SER A 1059 4.53 30.33 25.91
C SER A 1059 3.52 31.45 25.66
N LEU A 1060 3.93 32.48 24.92
CA LEU A 1060 3.02 33.57 24.61
C LEU A 1060 1.84 33.11 23.77
N VAL A 1061 2.07 32.20 22.82
CA VAL A 1061 0.97 31.68 22.00
C VAL A 1061 0.07 30.76 22.83
N THR A 1062 0.67 29.88 23.64
CA THR A 1062 -0.12 28.95 24.43
C THR A 1062 -0.97 29.68 25.47
N ASN A 1063 -0.48 30.81 25.98
CA ASN A 1063 -1.21 31.59 26.97
C ASN A 1063 -2.06 32.68 26.35
N CYS A 1064 -2.15 32.73 25.03
CA CYS A 1064 -2.97 33.71 24.32
C CYS A 1064 -4.32 33.06 23.99
N LYS A 1065 -5.35 33.45 24.73
CA LYS A 1065 -6.66 32.80 24.60
C LYS A 1065 -7.29 32.96 23.22
N PRO A 1066 -7.38 34.16 22.63
CA PRO A 1066 -8.09 34.27 21.33
C PRO A 1066 -7.43 33.48 20.22
N VAL A 1067 -6.09 33.52 20.11
CA VAL A 1067 -5.44 32.80 19.02
C VAL A 1067 -5.57 31.29 19.23
N THR A 1068 -5.53 30.83 20.47
CA THR A 1068 -5.72 29.41 20.74
C THR A 1068 -7.14 28.98 20.39
N ASP A 1069 -8.13 29.81 20.72
CA ASP A 1069 -9.51 29.49 20.36
C ASP A 1069 -9.68 29.44 18.85
N LYS A 1070 -9.04 30.36 18.13
CA LYS A 1070 -9.13 30.34 16.67
C LYS A 1070 -8.38 29.15 16.08
N ILE A 1071 -7.29 28.73 16.71
CA ILE A 1071 -6.59 27.52 16.30
C ILE A 1071 -7.50 26.31 16.47
N HIS A 1072 -8.17 26.21 17.61
CA HIS A 1072 -9.09 25.10 17.85
C HIS A 1072 -10.23 25.11 16.84
N LYS A 1073 -10.79 26.30 16.56
CA LYS A 1073 -11.91 26.38 15.64
C LYS A 1073 -11.50 26.10 14.20
N ALA A 1074 -10.24 26.37 13.86
CA ALA A 1074 -9.78 26.17 12.49
C ALA A 1074 -9.21 24.78 12.28
N TYR A 1075 -8.35 24.32 13.17
CA TYR A 1075 -7.77 22.98 13.06
C TYR A 1075 -8.83 21.94 13.37
N LYS A 1076 -9.31 21.25 12.33
CA LYS A 1076 -10.25 20.15 12.51
C LYS A 1076 -9.55 18.95 13.15
N ASP A 1077 -10.34 18.13 13.83
CA ASP A 1077 -9.80 17.01 14.58
C ASP A 1077 -9.10 16.01 13.68
N LYS A 1078 -7.90 15.59 14.08
CA LYS A 1078 -7.09 14.65 13.33
C LYS A 1078 -7.22 13.25 13.93
N ASN A 1079 -7.22 12.25 13.06
CA ASN A 1079 -7.37 10.87 13.50
C ASN A 1079 -6.14 10.42 14.28
N LYS A 1080 -6.39 9.66 15.35
CA LYS A 1080 -5.29 9.11 16.14
C LYS A 1080 -4.52 8.06 15.34
N TYR A 1081 -5.20 7.30 14.51
CA TYR A 1081 -4.61 6.22 13.73
C TYR A 1081 -4.75 6.50 12.25
N ARG A 1082 -3.74 6.12 11.48
CA ARG A 1082 -3.78 6.23 10.04
C ARG A 1082 -4.27 4.92 9.43
N PHE A 1083 -5.14 5.04 8.42
CA PHE A 1083 -5.75 3.88 7.79
C PHE A 1083 -5.80 4.12 6.29
N GLU A 1084 -6.19 3.07 5.57
CA GLU A 1084 -6.27 3.10 4.11
C GLU A 1084 -7.47 2.26 3.69
N ILE A 1085 -8.52 2.92 3.21
CA ILE A 1085 -9.73 2.22 2.80
C ILE A 1085 -9.49 1.53 1.47
N MET A 1086 -9.77 0.24 1.42
CA MET A 1086 -9.57 -0.57 0.24
C MET A 1086 -10.91 -1.06 -0.30
N GLY A 1087 -10.87 -1.70 -1.47
CA GLY A 1087 -12.05 -2.28 -2.07
C GLY A 1087 -12.11 -3.78 -1.88
N GLU A 1088 -13.17 -4.37 -2.45
CA GLU A 1088 -13.42 -5.79 -2.35
C GLU A 1088 -13.08 -6.55 -3.63
N GLU A 1089 -12.13 -6.02 -4.41
CA GLU A 1089 -11.73 -6.69 -5.64
C GLU A 1089 -11.02 -8.01 -5.36
N GLU A 1090 -10.15 -8.03 -4.35
CA GLU A 1090 -9.37 -9.23 -4.03
C GLU A 1090 -9.97 -10.03 -2.89
N ILE A 1091 -11.29 -9.96 -2.71
CA ILE A 1091 -11.98 -10.69 -1.67
C ILE A 1091 -13.05 -11.55 -2.32
N ALA A 1092 -13.03 -12.85 -2.04
CA ALA A 1092 -13.99 -13.80 -2.57
C ALA A 1092 -14.83 -14.33 -1.42
N PHE A 1093 -16.07 -13.88 -1.34
CA PHE A 1093 -16.99 -14.30 -0.29
C PHE A 1093 -18.22 -14.90 -0.93
N LYS A 1094 -18.56 -16.13 -0.55
CA LYS A 1094 -19.69 -16.82 -1.12
C LYS A 1094 -20.42 -17.63 -0.05
N MET A 1095 -21.73 -17.79 -0.25
CA MET A 1095 -22.58 -18.52 0.68
C MET A 1095 -22.84 -19.91 0.13
N ILE A 1096 -22.53 -20.93 0.94
CA ILE A 1096 -22.68 -22.33 0.52
C ILE A 1096 -24.08 -22.75 0.94
N ARG A 1097 -25.05 -22.43 0.08
CA ARG A 1097 -26.47 -22.63 0.41
C ARG A 1097 -26.98 -23.94 -0.18
N THR A 1098 -26.32 -25.04 0.22
CA THR A 1098 -26.74 -26.43 0.04
C THR A 1098 -27.43 -26.72 -1.30
N ASN A 1099 -26.91 -26.16 -2.39
CA ASN A 1099 -27.36 -26.51 -3.74
C ASN A 1099 -26.15 -26.86 -4.57
N VAL A 1100 -26.08 -28.12 -5.02
CA VAL A 1100 -24.88 -28.62 -5.67
C VAL A 1100 -24.61 -27.87 -6.97
N SER A 1101 -25.65 -27.66 -7.78
CA SER A 1101 -25.45 -26.99 -9.07
C SER A 1101 -24.99 -25.54 -8.90
N HIS A 1102 -25.31 -24.93 -7.75
CA HIS A 1102 -24.88 -23.56 -7.48
C HIS A 1102 -23.54 -23.51 -6.77
N VAL A 1103 -23.28 -24.44 -5.84
CA VAL A 1103 -21.99 -24.51 -5.19
C VAL A 1103 -20.89 -24.80 -6.20
N VAL A 1104 -21.17 -25.69 -7.15
CA VAL A 1104 -20.20 -26.00 -8.19
C VAL A 1104 -19.88 -24.75 -9.00
N GLY A 1105 -20.91 -23.99 -9.38
CA GLY A 1105 -20.68 -22.76 -10.13
C GLY A 1105 -19.87 -21.74 -9.35
N GLN A 1106 -20.18 -21.57 -8.07
CA GLN A 1106 -19.45 -20.63 -7.24
C GLN A 1106 -17.97 -21.02 -7.11
N LEU A 1107 -17.73 -22.31 -6.86
CA LEU A 1107 -16.35 -22.76 -6.73
C LEU A 1107 -15.61 -22.66 -8.05
N ASP A 1108 -16.31 -22.87 -9.17
CA ASP A 1108 -15.70 -22.64 -10.47
C ASP A 1108 -15.34 -21.16 -10.64
N ASP A 1109 -16.21 -20.27 -10.19
CA ASP A 1109 -15.89 -18.84 -10.25
C ASP A 1109 -14.65 -18.51 -9.42
N ILE A 1110 -14.46 -19.20 -8.29
CA ILE A 1110 -13.22 -19.04 -7.54
C ILE A 1110 -12.04 -19.58 -8.33
N ARG A 1111 -12.21 -20.72 -8.99
CA ARG A 1111 -11.13 -21.35 -9.75
C ARG A 1111 -10.66 -20.47 -10.90
N LYS A 1112 -11.60 -19.89 -11.64
CA LYS A 1112 -11.24 -19.09 -12.81
C LYS A 1112 -10.47 -17.84 -12.42
N ASN A 1113 -10.90 -17.17 -11.35
CA ASN A 1113 -10.34 -15.90 -10.91
C ASN A 1113 -9.82 -16.05 -9.48
N PRO A 1114 -8.55 -16.40 -9.30
CA PRO A 1114 -7.98 -16.45 -7.95
C PRO A 1114 -8.01 -15.08 -7.29
N ARG A 1115 -8.25 -15.08 -5.98
CA ARG A 1115 -8.32 -13.85 -5.20
C ARG A 1115 -7.49 -14.01 -3.93
N LYS A 1116 -7.06 -12.88 -3.38
CA LYS A 1116 -6.16 -12.91 -2.23
C LYS A 1116 -6.82 -13.58 -1.03
N PHE A 1117 -8.08 -13.26 -0.76
CA PHE A 1117 -8.78 -13.77 0.41
C PHE A 1117 -10.08 -14.43 -0.04
N VAL A 1118 -10.27 -15.68 0.35
CA VAL A 1118 -11.43 -16.47 -0.03
C VAL A 1118 -12.16 -16.90 1.23
N CYS A 1119 -13.47 -16.67 1.26
CA CYS A 1119 -14.33 -17.09 2.35
C CYS A 1119 -15.45 -17.95 1.80
N LEU A 1120 -15.62 -19.13 2.37
CA LEU A 1120 -16.77 -19.99 2.07
C LEU A 1120 -17.56 -20.12 3.36
N ASN A 1121 -18.62 -19.32 3.49
CA ASN A 1121 -19.38 -19.24 4.72
C ASN A 1121 -20.46 -20.32 4.73
N ASP A 1122 -20.57 -21.03 5.84
CA ASP A 1122 -21.45 -22.18 5.92
C ASP A 1122 -22.91 -21.73 5.98
N ASN A 1123 -23.70 -22.21 5.03
CA ASN A 1123 -25.14 -22.04 5.05
C ASN A 1123 -25.86 -23.33 4.66
N ILE A 1124 -25.20 -24.48 4.84
CA ILE A 1124 -25.77 -25.75 4.41
C ILE A 1124 -26.95 -26.12 5.30
N ASP A 1125 -27.93 -26.81 4.70
CA ASP A 1125 -29.08 -27.25 5.48
C ASP A 1125 -28.68 -28.27 6.54
N HIS A 1126 -27.73 -29.15 6.22
CA HIS A 1126 -27.14 -30.15 7.10
C HIS A 1126 -28.11 -31.24 7.50
N ASN A 1127 -29.39 -31.14 7.12
CA ASN A 1127 -30.32 -32.26 7.23
C ASN A 1127 -30.80 -32.76 5.89
N HIS A 1128 -30.61 -31.99 4.82
CA HIS A 1128 -30.92 -32.45 3.48
C HIS A 1128 -29.94 -33.54 3.05
N LYS A 1129 -30.37 -34.36 2.09
CA LYS A 1129 -29.51 -35.41 1.57
C LYS A 1129 -28.34 -34.85 0.77
N ASP A 1130 -28.42 -33.59 0.33
CA ASP A 1130 -27.38 -32.98 -0.48
C ASP A 1130 -26.22 -32.44 0.34
N ALA A 1131 -26.31 -32.48 1.67
CA ALA A 1131 -25.23 -31.96 2.50
C ALA A 1131 -23.94 -32.74 2.30
N GLN A 1132 -24.04 -34.07 2.20
CA GLN A 1132 -22.85 -34.89 1.98
C GLN A 1132 -22.20 -34.58 0.63
N THR A 1133 -23.02 -34.43 -0.41
CA THR A 1133 -22.47 -34.09 -1.72
C THR A 1133 -21.85 -32.69 -1.72
N VAL A 1134 -22.46 -31.74 -1.03
CA VAL A 1134 -21.89 -30.40 -0.93
C VAL A 1134 -20.56 -30.43 -0.20
N LYS A 1135 -20.49 -31.20 0.89
CA LYS A 1135 -19.21 -31.36 1.60
C LYS A 1135 -18.16 -31.99 0.70
N ALA A 1136 -18.56 -32.98 -0.09
CA ALA A 1136 -17.62 -33.61 -1.01
C ALA A 1136 -17.11 -32.63 -2.06
N VAL A 1137 -18.01 -31.80 -2.59
CA VAL A 1137 -17.61 -30.80 -3.58
C VAL A 1137 -16.65 -29.79 -2.97
N LEU A 1138 -16.95 -29.34 -1.75
CA LEU A 1138 -16.06 -28.39 -1.08
C LEU A 1138 -14.69 -29.02 -0.82
N ARG A 1139 -14.67 -30.27 -0.38
CA ARG A 1139 -13.40 -30.94 -0.15
C ARG A 1139 -12.61 -31.11 -1.43
N ASP A 1140 -13.29 -31.44 -2.53
CA ASP A 1140 -12.61 -31.58 -3.81
C ASP A 1140 -12.03 -30.24 -4.27
N PHE A 1141 -12.78 -29.16 -4.10
CA PHE A 1141 -12.27 -27.83 -4.43
C PHE A 1141 -11.05 -27.49 -3.58
N TYR A 1142 -11.12 -27.76 -2.28
CA TYR A 1142 -10.01 -27.51 -1.38
C TYR A 1142 -8.78 -28.32 -1.77
N GLU A 1143 -8.98 -29.59 -2.14
CA GLU A 1143 -7.88 -30.44 -2.56
C GLU A 1143 -7.29 -29.98 -3.88
N SER A 1144 -8.11 -29.45 -4.79
CA SER A 1144 -7.58 -28.87 -6.01
C SER A 1144 -6.70 -27.67 -5.70
N MET A 1145 -7.13 -26.83 -4.75
CA MET A 1145 -6.30 -25.67 -4.40
C MET A 1145 -5.07 -26.06 -3.60
N PHE A 1146 -5.23 -26.92 -2.58
CA PHE A 1146 -4.16 -27.26 -1.65
C PHE A 1146 -4.08 -28.76 -1.44
N PRO A 1147 -3.42 -29.49 -2.34
CA PRO A 1147 -3.33 -30.95 -2.19
C PRO A 1147 -2.27 -31.37 -1.19
N ILE A 1148 -1.17 -30.63 -1.09
CA ILE A 1148 -0.02 -31.03 -0.29
C ILE A 1148 -0.32 -30.82 1.19
N PRO A 1149 -0.19 -31.85 2.02
CA PRO A 1149 -0.43 -31.67 3.46
C PRO A 1149 0.58 -30.70 4.07
N SER A 1150 0.09 -29.93 5.05
CA SER A 1150 0.92 -28.92 5.69
C SER A 1150 1.78 -29.54 6.78
N GLN A 1151 2.66 -28.71 7.35
CA GLN A 1151 3.51 -29.13 8.46
C GLN A 1151 2.76 -29.25 9.77
N PHE A 1152 1.50 -28.83 9.82
CA PHE A 1152 0.70 -28.86 11.03
C PHE A 1152 -0.20 -30.08 11.10
N GLU A 1153 -0.04 -31.04 10.20
CA GLU A 1153 -0.88 -32.23 10.15
C GLU A 1153 -0.07 -33.46 10.52
N LEU A 1154 -0.70 -34.38 11.22
CA LEU A 1154 -0.14 -35.71 11.43
C LEU A 1154 -0.29 -36.53 10.16
N PRO A 1155 0.55 -37.55 9.98
CA PRO A 1155 0.38 -38.44 8.84
C PRO A 1155 -0.97 -39.14 8.90
N ARG A 1156 -1.47 -39.50 7.71
CA ARG A 1156 -2.81 -40.08 7.61
C ARG A 1156 -2.95 -41.35 8.45
N GLU A 1157 -1.85 -42.04 8.71
CA GLU A 1157 -1.90 -43.25 9.53
C GLU A 1157 -1.90 -42.97 11.02
N TYR A 1158 -1.83 -41.70 11.44
CA TYR A 1158 -1.80 -41.35 12.84
C TYR A 1158 -2.90 -40.34 13.14
N ARG A 1159 -3.28 -40.28 14.41
CA ARG A 1159 -4.38 -39.42 14.86
C ARG A 1159 -4.16 -39.09 16.33
N ASN A 1160 -4.66 -37.93 16.74
CA ASN A 1160 -4.57 -37.54 18.14
C ASN A 1160 -5.34 -38.52 19.03
N ARG A 1161 -4.70 -38.95 20.11
CA ARG A 1161 -5.33 -39.91 21.01
C ARG A 1161 -6.56 -39.32 21.69
N PHE A 1162 -6.48 -38.07 22.12
CA PHE A 1162 -7.56 -37.41 22.85
C PHE A 1162 -8.01 -36.18 22.10
N LEU A 1163 -9.33 -35.96 22.07
CA LEU A 1163 -9.92 -34.84 21.37
C LEU A 1163 -10.27 -33.69 22.30
N HIS A 1164 -9.76 -33.70 23.53
CA HIS A 1164 -9.97 -32.61 24.47
C HIS A 1164 -8.67 -32.33 25.21
N MET A 1165 -8.53 -31.09 25.68
CA MET A 1165 -7.32 -30.69 26.40
C MET A 1165 -7.27 -31.34 27.79
N HIS A 1166 -8.41 -31.39 28.49
CA HIS A 1166 -8.41 -31.92 29.85
C HIS A 1166 -8.03 -33.39 29.87
N GLU A 1167 -8.49 -34.16 28.87
CA GLU A 1167 -8.09 -35.57 28.78
C GLU A 1167 -6.58 -35.69 28.60
N LEU A 1168 -6.00 -34.82 27.75
CA LEU A 1168 -4.56 -34.83 27.55
C LEU A 1168 -3.83 -34.51 28.86
N GLN A 1169 -4.34 -33.53 29.61
CA GLN A 1169 -3.72 -33.18 30.89
C GLN A 1169 -3.81 -34.33 31.89
N GLU A 1170 -4.94 -35.05 31.89
CA GLU A 1170 -5.05 -36.23 32.75
C GLU A 1170 -4.05 -37.29 32.33
N TRP A 1171 -3.85 -37.47 31.03
CA TRP A 1171 -2.89 -38.45 30.54
C TRP A 1171 -1.47 -38.07 30.94
N ARG A 1172 -1.13 -36.78 30.90
CA ARG A 1172 0.20 -36.35 31.32
C ARG A 1172 0.39 -36.52 32.82
N ALA A 1173 -0.62 -36.16 33.61
CA ALA A 1173 -0.53 -36.22 35.06
C ALA A 1173 -1.79 -36.85 35.65
N TYR B 19 20.86 -6.42 14.53
CA TYR B 19 21.74 -7.22 15.35
C TYR B 19 21.58 -8.69 14.97
N HIS B 20 22.36 -9.57 15.60
CA HIS B 20 22.22 -11.00 15.35
C HIS B 20 20.81 -11.48 15.69
N VAL B 21 20.26 -11.00 16.81
CA VAL B 21 18.89 -11.35 17.16
C VAL B 21 17.91 -10.79 16.12
N LEU B 22 18.22 -9.61 15.58
CA LEU B 22 17.37 -9.03 14.55
C LEU B 22 17.51 -9.78 13.23
N PHE B 23 18.72 -10.23 12.91
CA PHE B 23 18.92 -10.98 11.67
C PHE B 23 18.25 -12.35 11.73
N ASP B 24 18.39 -13.05 12.85
CA ASP B 24 17.76 -14.36 12.98
C ASP B 24 16.25 -14.27 13.06
N SER B 25 15.70 -13.10 13.38
CA SER B 25 14.25 -12.96 13.51
C SER B 25 13.54 -13.07 12.17
N TYR B 26 14.25 -12.89 11.06
CA TYR B 26 13.62 -13.00 9.75
C TYR B 26 13.36 -14.45 9.36
N ARG B 27 14.19 -15.37 9.84
CA ARG B 27 13.97 -16.80 9.62
C ARG B 27 13.07 -17.42 10.68
N ASP B 28 12.57 -16.61 11.62
CA ASP B 28 11.67 -17.08 12.68
C ASP B 28 10.24 -16.99 12.16
N ASN B 29 9.87 -17.97 11.34
CA ASN B 29 8.52 -18.08 10.81
C ASN B 29 8.28 -19.54 10.44
N ILE B 30 7.07 -19.82 9.94
CA ILE B 30 6.70 -21.20 9.68
C ILE B 30 7.55 -21.82 8.58
N ALA B 31 7.95 -21.03 7.58
CA ALA B 31 8.76 -21.54 6.48
C ALA B 31 10.23 -21.67 6.83
N GLY B 32 10.68 -21.09 7.94
CA GLY B 32 12.10 -21.11 8.27
C GLY B 32 12.96 -20.39 7.26
N LYS B 33 12.40 -19.40 6.57
CA LYS B 33 13.10 -18.66 5.53
C LYS B 33 13.02 -17.17 5.81
N SER B 34 13.98 -16.44 5.24
CA SER B 34 14.04 -14.99 5.38
C SER B 34 13.44 -14.35 4.13
N PHE B 35 12.48 -13.45 4.35
CA PHE B 35 11.86 -12.70 3.27
C PHE B 35 12.20 -11.22 3.39
N GLN B 36 13.41 -10.91 3.84
CA GLN B 36 13.81 -9.53 4.07
C GLN B 36 13.77 -8.73 2.77
N ASN B 37 14.18 -9.35 1.66
CA ASN B 37 14.11 -8.67 0.37
C ASN B 37 12.69 -8.39 -0.07
N ARG B 38 11.70 -9.03 0.55
CA ARG B 38 10.30 -8.86 0.19
C ARG B 38 9.53 -8.03 1.22
N LEU B 39 10.18 -7.62 2.32
CA LEU B 39 9.51 -6.88 3.37
C LEU B 39 10.12 -5.52 3.67
N CYS B 40 11.28 -5.18 3.11
CA CYS B 40 12.07 -4.04 3.57
C CYS B 40 12.24 -2.93 2.53
N LEU B 41 11.47 -2.96 1.43
CA LEU B 41 11.51 -1.94 0.38
C LEU B 41 12.84 -1.91 -0.35
N PRO B 42 12.87 -1.46 -1.61
CA PRO B 42 14.12 -1.49 -2.39
C PRO B 42 15.08 -0.40 -1.95
N MET B 43 16.23 -0.81 -1.44
CA MET B 43 17.29 0.09 -1.02
C MET B 43 18.61 -0.38 -1.60
N PRO B 44 19.58 0.55 -1.80
CA PRO B 44 19.55 1.99 -1.54
C PRO B 44 18.86 2.76 -2.65
N ILE B 45 18.46 4.01 -2.39
CA ILE B 45 17.83 4.87 -3.38
C ILE B 45 18.60 6.18 -3.46
N ASP B 46 18.87 6.63 -4.68
CA ASP B 46 19.60 7.85 -4.94
C ASP B 46 18.68 8.91 -5.51
N VAL B 47 19.12 10.16 -5.41
CA VAL B 47 18.42 11.31 -5.97
C VAL B 47 19.29 11.93 -7.05
N VAL B 48 18.70 12.22 -8.20
CA VAL B 48 19.40 12.82 -9.32
C VAL B 48 18.74 14.15 -9.65
N TYR B 49 19.55 15.19 -9.79
CA TYR B 49 19.10 16.53 -10.13
C TYR B 49 19.65 16.95 -11.48
N THR B 50 18.89 17.76 -12.20
CA THR B 50 19.36 18.45 -13.40
C THR B 50 19.31 19.94 -13.12
N TRP B 51 20.47 20.56 -12.97
CA TRP B 51 20.59 21.97 -12.61
C TRP B 51 21.28 22.73 -13.73
N VAL B 52 20.68 23.87 -14.11
CA VAL B 52 21.24 24.75 -15.14
C VAL B 52 21.20 26.19 -14.62
N ASN B 53 22.24 26.95 -14.95
CA ASN B 53 22.37 28.33 -14.52
C ASN B 53 22.82 29.17 -15.71
N GLY B 54 22.30 30.40 -15.78
CA GLY B 54 22.72 31.30 -16.83
C GLY B 54 23.96 32.10 -16.42
N THR B 55 25.13 31.62 -16.81
CA THR B 55 26.40 32.24 -16.44
C THR B 55 26.93 33.08 -17.59
N ASP B 56 28.06 33.75 -17.34
CA ASP B 56 28.67 34.58 -18.37
C ASP B 56 29.06 33.76 -19.60
N LEU B 57 29.55 32.55 -19.37
CA LEU B 57 29.95 31.66 -20.46
C LEU B 57 28.81 30.79 -20.98
N GLU B 58 27.62 30.87 -20.39
CA GLU B 58 26.50 30.06 -20.83
C GLU B 58 25.59 30.79 -21.81
N LEU B 59 25.40 32.10 -21.62
CA LEU B 59 24.64 32.87 -22.59
C LEU B 59 25.39 32.95 -23.92
N LEU B 60 26.72 33.05 -23.88
CA LEU B 60 27.50 33.11 -25.10
C LEU B 60 27.30 31.86 -25.95
N LYS B 61 27.40 30.68 -25.33
CA LYS B 61 27.17 29.44 -26.05
C LYS B 61 25.71 29.27 -26.42
N GLU B 62 24.81 29.81 -25.60
CA GLU B 62 23.39 29.78 -25.92
C GLU B 62 23.08 30.64 -27.15
N LEU B 63 23.73 31.80 -27.26
CA LEU B 63 23.49 32.70 -28.38
C LEU B 63 24.03 32.17 -29.70
N GLN B 64 24.99 31.24 -29.67
CA GLN B 64 25.48 30.66 -30.91
C GLN B 64 24.39 29.85 -31.60
N GLN B 65 23.64 29.05 -30.83
CA GLN B 65 22.62 28.19 -31.41
C GLN B 65 21.41 28.98 -31.89
N VAL B 66 21.00 30.00 -31.13
CA VAL B 66 19.75 30.69 -31.44
C VAL B 66 19.84 31.42 -32.78
N ARG B 67 21.04 31.85 -33.17
CA ARG B 67 21.18 32.56 -34.45
C ARG B 67 20.92 31.65 -35.64
N GLU B 68 21.26 30.36 -35.52
CA GLU B 68 21.14 29.41 -36.61
C GLU B 68 19.83 28.64 -36.60
N GLN B 69 18.87 29.03 -35.75
CA GLN B 69 17.62 28.28 -35.66
C GLN B 69 16.61 28.73 -36.72
N MET B 70 16.42 30.04 -36.87
CA MET B 70 15.45 30.58 -37.81
C MET B 70 16.06 30.94 -39.15
N GLU B 71 17.33 30.61 -39.39
CA GLU B 71 18.03 31.06 -40.59
C GLU B 71 17.83 30.16 -41.80
N GLU B 72 17.13 29.03 -41.66
CA GLU B 72 17.04 28.07 -42.76
C GLU B 72 15.62 27.59 -43.10
N GLU B 73 14.71 27.55 -42.12
CA GLU B 73 13.45 26.85 -42.35
C GLU B 73 12.51 27.60 -43.29
N GLN B 74 12.50 28.94 -43.25
CA GLN B 74 11.55 29.68 -44.06
C GLN B 74 11.81 29.49 -45.56
N LYS B 75 13.05 29.24 -45.95
CA LYS B 75 13.37 28.96 -47.34
C LYS B 75 14.47 27.90 -47.43
N GLU B 286 7.03 30.33 -26.45
CA GLU B 286 8.31 29.97 -27.05
C GLU B 286 9.20 29.26 -26.02
N ASP B 287 10.02 28.34 -26.50
CA ASP B 287 10.79 27.48 -25.61
C ASP B 287 11.80 28.29 -24.78
N ILE B 288 12.77 28.90 -25.45
CA ILE B 288 13.87 29.57 -24.76
C ILE B 288 13.43 30.95 -24.30
N SER B 289 12.94 31.05 -23.08
CA SER B 289 12.42 32.30 -22.54
C SER B 289 13.18 32.77 -21.31
N ALA B 290 14.39 32.23 -21.10
CA ALA B 290 15.25 32.49 -19.95
C ALA B 290 14.65 31.98 -18.65
N SER B 291 13.43 31.47 -18.67
CA SER B 291 12.85 30.77 -17.55
C SER B 291 13.21 29.29 -17.57
N ARG B 292 13.87 28.82 -18.63
CA ARG B 292 14.37 27.46 -18.70
C ARG B 292 15.74 27.29 -18.09
N PHE B 293 16.47 28.39 -17.86
CA PHE B 293 17.86 28.32 -17.43
C PHE B 293 18.16 29.21 -16.23
N GLU B 294 17.15 29.73 -15.56
CA GLU B 294 17.34 30.70 -14.49
C GLU B 294 17.24 30.02 -13.13
N ASP B 295 18.12 30.40 -12.22
CA ASP B 295 18.07 29.94 -10.84
C ASP B 295 17.13 30.85 -10.05
N ASN B 296 16.12 30.25 -9.43
CA ASN B 296 15.32 30.92 -8.42
C ASN B 296 15.65 30.41 -7.02
N GLU B 297 16.90 29.97 -6.83
CA GLU B 297 17.38 29.36 -5.60
C GLU B 297 16.67 28.06 -5.26
N GLU B 298 16.07 27.41 -6.27
CA GLU B 298 15.23 26.25 -6.02
C GLU B 298 16.03 25.00 -5.67
N LEU B 299 17.25 24.87 -6.20
CA LEU B 299 18.06 23.69 -5.89
C LEU B 299 18.46 23.64 -4.43
N ARG B 300 18.84 24.79 -3.86
CA ARG B 300 19.26 24.83 -2.46
C ARG B 300 18.13 24.39 -1.53
N TYR B 301 16.93 24.91 -1.76
CA TYR B 301 15.81 24.56 -0.91
C TYR B 301 15.27 23.18 -1.21
N SER B 302 15.46 22.68 -2.44
CA SER B 302 15.13 21.28 -2.71
C SER B 302 16.06 20.34 -1.95
N LEU B 303 17.35 20.67 -1.88
CA LEU B 303 18.28 19.88 -1.08
C LEU B 303 17.94 19.95 0.40
N ARG B 304 17.57 21.13 0.88
CA ARG B 304 17.13 21.26 2.27
C ARG B 304 15.88 20.42 2.52
N SER B 305 14.95 20.42 1.56
CA SER B 305 13.72 19.64 1.69
C SER B 305 14.03 18.14 1.71
N ILE B 306 15.01 17.71 0.92
CA ILE B 306 15.42 16.31 0.97
C ILE B 306 16.03 15.97 2.32
N GLU B 307 16.91 16.84 2.83
CA GLU B 307 17.53 16.56 4.13
C GLU B 307 16.50 16.54 5.24
N ARG B 308 15.40 17.28 5.09
CA ARG B 308 14.38 17.36 6.12
C ARG B 308 13.33 16.25 6.02
N HIS B 309 12.85 15.95 4.81
CA HIS B 309 11.73 15.05 4.62
C HIS B 309 12.10 13.69 4.05
N ALA B 310 13.25 13.55 3.42
CA ALA B 310 13.71 12.29 2.84
C ALA B 310 15.12 11.98 3.30
N PRO B 311 15.31 11.71 4.59
CA PRO B 311 16.67 11.44 5.09
C PRO B 311 17.19 10.05 4.76
N TRP B 312 16.42 9.23 4.05
CA TRP B 312 16.80 7.86 3.70
C TRP B 312 17.52 7.77 2.36
N VAL B 313 17.74 8.89 1.68
CA VAL B 313 18.42 8.89 0.39
C VAL B 313 19.91 8.69 0.63
N ARG B 314 20.54 7.87 -0.23
CA ARG B 314 21.95 7.55 -0.05
C ARG B 314 22.85 8.65 -0.62
N ASN B 315 22.79 8.87 -1.93
CA ASN B 315 23.68 9.79 -2.62
C ASN B 315 22.87 10.75 -3.47
N ILE B 316 23.43 11.95 -3.66
CA ILE B 316 22.82 12.99 -4.49
C ILE B 316 23.69 13.17 -5.73
N PHE B 317 23.05 13.14 -6.89
CA PHE B 317 23.72 13.38 -8.17
C PHE B 317 23.14 14.64 -8.79
N ILE B 318 24.01 15.57 -9.16
CA ILE B 318 23.62 16.80 -9.82
C ILE B 318 24.25 16.81 -11.20
N VAL B 319 23.41 16.84 -12.23
CA VAL B 319 23.85 16.74 -13.62
C VAL B 319 23.82 18.14 -14.23
N THR B 320 24.98 18.64 -14.63
CA THR B 320 25.13 20.00 -15.11
C THR B 320 25.95 20.00 -16.40
N ASN B 321 26.08 21.19 -16.99
CA ASN B 321 26.97 21.42 -18.11
C ASN B 321 28.43 21.57 -17.68
N GLY B 322 28.74 21.22 -16.43
CA GLY B 322 29.98 21.58 -15.80
C GLY B 322 29.86 22.72 -14.82
N GLN B 323 28.74 23.44 -14.83
CA GLN B 323 28.49 24.46 -13.83
C GLN B 323 28.40 23.84 -12.44
N ILE B 324 29.06 24.46 -11.47
CA ILE B 324 29.04 24.02 -10.08
C ILE B 324 28.39 25.14 -9.27
N PRO B 325 27.38 24.85 -8.44
CA PRO B 325 26.79 25.90 -7.62
C PRO B 325 27.83 26.54 -6.72
N SER B 326 27.73 27.86 -6.57
CA SER B 326 28.70 28.59 -5.75
C SER B 326 28.60 28.19 -4.28
N TRP B 327 27.42 27.74 -3.84
CA TRP B 327 27.21 27.35 -2.45
C TRP B 327 27.35 25.85 -2.22
N LEU B 328 27.46 25.05 -3.27
CA LEU B 328 27.49 23.61 -3.10
C LEU B 328 28.76 23.17 -2.39
N ASN B 329 28.62 22.23 -1.46
CA ASN B 329 29.74 21.71 -0.67
C ASN B 329 30.26 20.45 -1.38
N LEU B 330 31.24 20.64 -2.27
CA LEU B 330 31.78 19.51 -3.01
C LEU B 330 32.54 18.54 -2.12
N ASP B 331 33.01 18.97 -0.96
CA ASP B 331 33.73 18.06 -0.07
C ASP B 331 32.83 17.02 0.56
N ASN B 332 31.52 17.24 0.52
CA ASN B 332 30.58 16.27 1.06
C ASN B 332 30.56 15.02 0.18
N PRO B 333 30.86 13.84 0.72
CA PRO B 333 30.90 12.63 -0.12
C PRO B 333 29.54 12.24 -0.69
N ARG B 334 28.44 12.72 -0.12
CA ARG B 334 27.11 12.30 -0.55
C ARG B 334 26.66 12.98 -1.84
N VAL B 335 27.24 14.12 -2.21
CA VAL B 335 26.80 14.89 -3.36
C VAL B 335 27.94 14.98 -4.36
N THR B 336 27.64 14.71 -5.63
CA THR B 336 28.62 14.78 -6.69
C THR B 336 28.03 15.53 -7.88
N ILE B 337 28.90 16.18 -8.65
CA ILE B 337 28.54 16.82 -9.90
C ILE B 337 28.85 15.85 -11.03
N VAL B 338 27.87 15.57 -11.88
CA VAL B 338 28.04 14.69 -13.03
C VAL B 338 27.86 15.52 -14.29
N THR B 339 28.96 15.78 -14.99
CA THR B 339 28.90 16.57 -16.21
C THR B 339 28.25 15.78 -17.33
N HIS B 340 27.75 16.50 -18.35
CA HIS B 340 27.22 15.85 -19.54
C HIS B 340 28.27 14.99 -20.23
N GLN B 341 29.56 15.25 -20.00
CA GLN B 341 30.61 14.41 -20.57
C GLN B 341 30.48 12.97 -20.11
N ASP B 342 30.14 12.76 -18.84
CA ASP B 342 30.00 11.42 -18.29
C ASP B 342 28.62 10.82 -18.50
N VAL B 343 27.68 11.60 -19.02
CA VAL B 343 26.28 11.19 -19.12
C VAL B 343 25.88 10.88 -20.56
N PHE B 344 26.21 11.77 -21.48
CA PHE B 344 25.89 11.52 -22.89
C PHE B 344 26.79 10.43 -23.45
N ARG B 345 26.18 9.46 -24.14
CA ARG B 345 26.94 8.37 -24.74
C ARG B 345 27.66 8.83 -26.01
N ASN B 346 27.03 9.70 -26.79
CA ASN B 346 27.62 10.26 -28.00
C ASN B 346 27.83 11.75 -27.78
N LEU B 347 29.09 12.15 -27.63
CA LEU B 347 29.50 13.49 -27.26
C LEU B 347 29.29 14.52 -28.36
N SER B 348 28.63 14.22 -29.47
CA SER B 348 28.31 15.23 -30.47
C SER B 348 27.05 16.00 -30.12
N HIS B 349 26.61 15.94 -28.86
CA HIS B 349 25.42 16.63 -28.38
C HIS B 349 25.71 17.41 -27.10
N LEU B 350 26.93 17.89 -26.94
CA LEU B 350 27.34 18.49 -25.66
C LEU B 350 26.70 19.85 -25.39
N PRO B 351 26.65 20.78 -26.37
CA PRO B 351 25.89 22.01 -26.13
C PRO B 351 24.39 21.72 -26.17
N THR B 352 23.86 21.19 -25.06
CA THR B 352 22.52 20.58 -25.11
C THR B 352 21.41 21.62 -25.01
N PHE B 353 21.33 22.32 -23.88
CA PHE B 353 20.26 23.30 -23.63
C PHE B 353 18.87 22.70 -23.84
N SER B 354 18.69 21.45 -23.39
CA SER B 354 17.41 20.76 -23.58
C SER B 354 17.21 19.78 -22.44
N SER B 355 16.13 19.95 -21.68
CA SER B 355 15.84 19.03 -20.58
C SER B 355 15.56 17.60 -21.05
N PRO B 356 14.70 17.35 -22.06
CA PRO B 356 14.49 15.95 -22.47
C PRO B 356 15.75 15.24 -22.93
N ALA B 357 16.65 15.95 -23.62
CA ALA B 357 17.88 15.32 -24.08
C ALA B 357 18.77 14.90 -22.92
N ILE B 358 18.87 15.76 -21.89
CA ILE B 358 19.66 15.41 -20.71
C ILE B 358 19.00 14.29 -19.93
N GLU B 359 17.67 14.31 -19.85
CA GLU B 359 16.95 13.30 -19.08
C GLU B 359 16.96 11.93 -19.74
N SER B 360 17.07 11.88 -21.07
CA SER B 360 17.14 10.58 -21.74
C SER B 360 18.39 9.81 -21.35
N HIS B 361 19.44 10.49 -20.89
CA HIS B 361 20.67 9.84 -20.46
C HIS B 361 20.85 9.85 -18.96
N ILE B 362 19.79 10.16 -18.21
CA ILE B 362 19.93 10.36 -16.77
C ILE B 362 20.16 9.05 -16.03
N HIS B 363 19.88 7.91 -16.65
CA HIS B 363 20.03 6.62 -16.02
C HIS B 363 21.41 6.00 -16.18
N ARG B 364 22.33 6.69 -16.86
CA ARG B 364 23.65 6.15 -17.15
C ARG B 364 24.71 6.63 -16.18
N ILE B 365 24.31 7.23 -15.05
CA ILE B 365 25.28 7.74 -14.09
C ILE B 365 26.02 6.57 -13.46
N GLU B 366 27.35 6.66 -13.42
CA GLU B 366 28.17 5.59 -12.85
C GLU B 366 27.93 5.49 -11.35
N GLY B 367 27.67 4.27 -10.87
CA GLY B 367 27.38 4.06 -9.47
C GLY B 367 25.97 4.38 -9.04
N LEU B 368 25.06 4.63 -9.99
CA LEU B 368 23.69 4.95 -9.65
C LEU B 368 22.94 3.73 -9.15
N SER B 369 22.11 3.93 -8.14
CA SER B 369 21.28 2.84 -7.63
C SER B 369 20.25 2.43 -8.67
N GLN B 370 19.86 1.16 -8.65
CA GLN B 370 18.91 0.65 -9.63
C GLN B 370 17.56 1.37 -9.52
N LYS B 371 17.14 1.66 -8.29
CA LYS B 371 16.00 2.53 -8.02
C LYS B 371 16.54 3.89 -7.60
N PHE B 372 16.16 4.93 -8.33
CA PHE B 372 16.56 6.29 -7.98
C PHE B 372 15.41 7.24 -8.23
N ILE B 373 15.41 8.35 -7.50
CA ILE B 373 14.39 9.38 -7.63
C ILE B 373 14.98 10.50 -8.48
N TYR B 374 14.34 10.81 -9.59
CA TYR B 374 14.78 11.90 -10.44
C TYR B 374 14.07 13.18 -10.03
N LEU B 375 14.83 14.17 -9.60
CA LEU B 375 14.30 15.45 -9.16
C LEU B 375 14.49 16.50 -10.24
N ASN B 376 13.46 17.31 -10.46
CA ASN B 376 13.41 18.26 -11.56
C ASN B 376 13.88 19.66 -11.16
N ASP B 377 14.49 19.79 -9.98
CA ASP B 377 15.15 21.02 -9.52
C ASP B 377 14.16 22.13 -9.16
N ASP B 378 12.89 21.97 -9.56
CA ASP B 378 11.81 22.80 -9.05
C ASP B 378 10.97 22.09 -8.04
N VAL B 379 10.94 20.76 -8.09
CA VAL B 379 10.13 19.96 -7.20
C VAL B 379 10.90 19.73 -5.91
N MET B 380 10.15 19.63 -4.81
CA MET B 380 10.73 19.35 -3.51
C MET B 380 9.69 18.63 -2.67
N PHE B 381 10.17 18.01 -1.59
CA PHE B 381 9.29 17.32 -0.66
C PHE B 381 8.70 18.32 0.33
N GLY B 382 7.40 18.23 0.55
CA GLY B 382 6.72 19.19 1.37
C GLY B 382 6.38 18.71 2.77
N LYS B 383 5.94 17.46 2.92
CA LYS B 383 5.47 16.98 4.19
C LYS B 383 6.35 15.89 4.79
N ASP B 384 6.43 14.73 4.13
CA ASP B 384 7.33 13.64 4.50
C ASP B 384 7.20 12.54 3.45
N VAL B 385 8.30 11.90 3.10
CA VAL B 385 8.29 10.88 2.05
C VAL B 385 9.12 9.69 2.51
N TRP B 386 8.68 8.51 2.11
CA TRP B 386 9.36 7.25 2.34
C TRP B 386 9.32 6.46 1.04
N PRO B 387 10.20 5.47 0.88
CA PRO B 387 10.18 4.68 -0.37
C PRO B 387 8.83 4.04 -0.63
N ASP B 388 8.02 3.82 0.40
CA ASP B 388 6.66 3.34 0.20
C ASP B 388 5.81 4.33 -0.58
N ASP B 389 6.17 5.62 -0.53
CA ASP B 389 5.44 6.63 -1.28
C ASP B 389 5.68 6.53 -2.78
N PHE B 390 6.67 5.76 -3.22
CA PHE B 390 6.95 5.56 -4.64
C PHE B 390 6.78 4.11 -5.07
N TYR B 391 7.22 3.16 -4.26
CA TYR B 391 7.25 1.75 -4.66
C TYR B 391 6.74 0.87 -3.53
N SER B 392 5.93 -0.13 -3.90
CA SER B 392 5.50 -1.18 -3.00
C SER B 392 5.77 -2.53 -3.64
N HIS B 393 6.36 -3.45 -2.88
CA HIS B 393 6.68 -4.76 -3.43
C HIS B 393 5.44 -5.47 -3.96
N SER B 394 4.30 -5.31 -3.27
CA SER B 394 3.08 -5.99 -3.71
C SER B 394 2.56 -5.41 -5.01
N LYS B 395 2.46 -4.09 -5.10
CA LYS B 395 1.84 -3.43 -6.25
C LYS B 395 2.84 -2.68 -7.14
N GLY B 396 4.13 -2.83 -6.91
CA GLY B 396 5.08 -2.17 -7.78
C GLY B 396 5.14 -0.66 -7.57
N GLN B 397 5.56 0.02 -8.64
CA GLN B 397 5.72 1.46 -8.59
C GLN B 397 4.38 2.18 -8.52
N LYS B 398 4.34 3.26 -7.75
CA LYS B 398 3.18 4.14 -7.73
C LYS B 398 3.26 5.09 -8.92
N VAL B 399 2.19 5.14 -9.70
CA VAL B 399 2.10 6.01 -10.87
C VAL B 399 1.07 7.07 -10.55
N TYR B 400 1.53 8.31 -10.40
CA TYR B 400 0.65 9.44 -10.12
C TYR B 400 0.28 10.10 -11.44
N LEU B 401 -0.99 10.04 -11.80
CA LEU B 401 -1.48 10.58 -13.05
C LEU B 401 -2.27 11.86 -12.79
N THR B 402 -2.60 12.55 -13.88
CA THR B 402 -3.26 13.85 -13.84
C THR B 402 -4.19 13.91 -15.05
N TRP B 403 -4.56 15.13 -15.45
CA TRP B 403 -5.43 15.36 -16.60
C TRP B 403 -4.99 14.55 -17.82
N PRO B 404 -5.92 14.11 -18.67
CA PRO B 404 -5.55 13.30 -19.83
C PRO B 404 -4.81 14.12 -20.87
N VAL B 405 -4.29 13.41 -21.87
CA VAL B 405 -3.57 14.02 -22.97
C VAL B 405 -4.53 14.74 -23.91
N THR B 900 4.88 22.92 -26.69
CA THR B 900 5.99 21.97 -26.82
C THR B 900 5.78 20.77 -25.91
N PHE B 901 5.40 21.03 -24.67
CA PHE B 901 5.13 19.95 -23.73
C PHE B 901 3.92 19.13 -24.18
N ALA B 902 2.82 19.81 -24.52
CA ALA B 902 1.64 19.10 -25.01
C ALA B 902 1.91 18.42 -26.34
N ASP B 903 2.67 19.07 -27.23
CA ASP B 903 3.00 18.47 -28.51
C ASP B 903 3.87 17.23 -28.33
N SER B 904 4.85 17.30 -27.44
CA SER B 904 5.66 16.11 -27.16
C SER B 904 4.82 15.01 -26.53
N LEU B 905 3.88 15.37 -25.66
CA LEU B 905 2.99 14.38 -25.08
C LEU B 905 2.17 13.69 -26.16
N ARG B 906 1.63 14.44 -27.11
CA ARG B 906 0.84 13.84 -28.18
C ARG B 906 1.70 12.99 -29.11
N TYR B 907 2.94 13.40 -29.34
CA TYR B 907 3.86 12.60 -30.15
C TYR B 907 4.17 11.27 -29.49
N VAL B 908 4.50 11.29 -28.20
CA VAL B 908 4.73 10.04 -27.48
C VAL B 908 3.46 9.21 -27.41
N ASN B 909 2.29 9.87 -27.31
CA ASN B 909 1.03 9.15 -27.30
C ASN B 909 0.79 8.42 -28.61
N LYS B 910 1.10 9.06 -29.75
CA LYS B 910 1.00 8.39 -31.03
C LYS B 910 1.96 7.20 -31.13
N ILE B 911 3.20 7.38 -30.64
CA ILE B 911 4.16 6.29 -30.68
C ILE B 911 3.66 5.10 -29.86
N LEU B 912 3.16 5.37 -28.66
CA LEU B 912 2.67 4.28 -27.81
C LEU B 912 1.40 3.67 -28.36
N ASN B 913 0.55 4.46 -29.04
CA ASN B 913 -0.61 3.88 -29.71
C ASN B 913 -0.18 2.94 -30.83
N SER B 914 0.86 3.31 -31.58
CA SER B 914 1.36 2.43 -32.63
C SER B 914 1.95 1.15 -32.05
N LYS B 915 2.69 1.25 -30.94
CA LYS B 915 3.39 0.09 -30.41
C LYS B 915 2.47 -0.81 -29.58
N PHE B 916 1.93 -0.28 -28.49
CA PHE B 916 1.17 -1.07 -27.53
C PHE B 916 -0.33 -1.05 -27.77
N GLY B 917 -0.81 -0.39 -28.82
CA GLY B 917 -2.22 -0.38 -29.11
C GLY B 917 -2.90 0.88 -28.63
N PHE B 918 -4.06 1.17 -29.23
CA PHE B 918 -4.79 2.40 -28.93
C PHE B 918 -5.40 2.34 -27.54
N THR B 919 -5.18 3.39 -26.76
CA THR B 919 -5.73 3.49 -25.41
C THR B 919 -5.68 4.95 -24.97
N SER B 920 -6.42 5.26 -23.92
CA SER B 920 -6.41 6.60 -23.34
C SER B 920 -5.31 6.71 -22.30
N ARG B 921 -4.61 7.84 -22.31
CA ARG B 921 -3.48 8.05 -21.43
C ARG B 921 -3.60 9.40 -20.73
N LYS B 922 -3.01 9.47 -19.53
CA LYS B 922 -3.01 10.67 -18.71
C LYS B 922 -1.58 10.99 -18.32
N VAL B 923 -1.22 12.26 -18.40
CA VAL B 923 0.18 12.67 -18.18
C VAL B 923 0.52 12.55 -16.70
N PRO B 924 1.71 12.06 -16.34
CA PRO B 924 2.10 12.01 -14.94
C PRO B 924 2.28 13.41 -14.36
N ALA B 925 2.14 13.47 -13.04
CA ALA B 925 2.22 14.75 -12.33
C ALA B 925 3.66 15.26 -12.28
N HIS B 926 3.78 16.56 -12.06
CA HIS B 926 5.08 17.21 -11.90
C HIS B 926 5.56 16.97 -10.47
N MET B 927 6.38 15.94 -10.30
CA MET B 927 6.78 15.47 -8.98
C MET B 927 8.09 14.72 -9.12
N PRO B 928 8.77 14.44 -8.00
CA PRO B 928 9.91 13.53 -8.05
C PRO B 928 9.51 12.17 -8.60
N HIS B 929 10.22 11.72 -9.63
CA HIS B 929 9.89 10.47 -10.31
C HIS B 929 10.88 9.39 -9.89
N MET B 930 10.36 8.25 -9.44
CA MET B 930 11.21 7.09 -9.23
C MET B 930 11.37 6.34 -10.54
N ILE B 931 12.62 6.08 -10.91
CA ILE B 931 12.95 5.47 -12.18
C ILE B 931 13.77 4.22 -11.91
N ASP B 932 13.40 3.11 -12.55
CA ASP B 932 14.19 1.90 -12.54
C ASP B 932 15.13 1.94 -13.73
N ARG B 933 16.43 1.72 -13.48
CA ARG B 933 17.42 1.79 -14.56
C ARG B 933 17.17 0.72 -15.61
N ILE B 934 16.82 -0.49 -15.16
CA ILE B 934 16.61 -1.59 -16.10
C ILE B 934 15.39 -1.32 -16.99
N VAL B 935 14.29 -0.85 -16.39
CA VAL B 935 13.09 -0.56 -17.16
C VAL B 935 13.34 0.57 -18.14
N MET B 936 14.05 1.61 -17.70
CA MET B 936 14.35 2.74 -18.59
C MET B 936 15.24 2.29 -19.74
N GLN B 937 16.24 1.45 -19.47
CA GLN B 937 17.11 0.97 -20.53
C GLN B 937 16.35 0.09 -21.52
N GLU B 938 15.42 -0.74 -21.02
CA GLU B 938 14.60 -1.54 -21.92
C GLU B 938 13.69 -0.65 -22.77
N LEU B 939 13.16 0.41 -22.18
CA LEU B 939 12.35 1.35 -22.94
C LEU B 939 13.16 2.03 -24.03
N GLN B 940 14.40 2.40 -23.73
CA GLN B 940 15.23 3.07 -24.72
C GLN B 940 15.73 2.09 -25.79
N ASP B 941 15.93 0.83 -25.44
CA ASP B 941 16.25 -0.17 -26.45
C ASP B 941 15.04 -0.47 -27.33
N MET B 942 13.83 -0.36 -26.79
CA MET B 942 12.64 -0.59 -27.61
C MET B 942 12.44 0.52 -28.64
N PHE B 943 12.89 1.73 -28.34
CA PHE B 943 12.82 2.86 -29.27
C PHE B 943 14.20 3.51 -29.37
N PRO B 944 15.14 2.87 -30.08
CA PRO B 944 16.49 3.45 -30.17
C PRO B 944 16.51 4.74 -30.98
N GLU B 945 15.79 4.74 -32.11
CA GLU B 945 15.80 5.90 -33.00
C GLU B 945 15.11 7.11 -32.36
N GLU B 946 14.01 6.88 -31.66
CA GLU B 946 13.30 7.99 -31.02
C GLU B 946 14.13 8.63 -29.93
N PHE B 947 14.80 7.83 -29.09
CA PHE B 947 15.62 8.41 -28.04
C PHE B 947 16.90 9.01 -28.60
N ASP B 948 17.43 8.47 -29.70
CA ASP B 948 18.56 9.12 -30.36
C ASP B 948 18.16 10.48 -30.91
N LYS B 949 16.97 10.58 -31.49
CA LYS B 949 16.47 11.88 -31.95
C LYS B 949 16.26 12.83 -30.78
N THR B 950 15.72 12.32 -29.66
CA THR B 950 15.55 13.16 -28.48
C THR B 950 16.88 13.71 -28.00
N SER B 951 17.92 12.87 -27.97
CA SER B 951 19.24 13.33 -27.58
C SER B 951 19.82 14.30 -28.60
N PHE B 952 19.51 14.12 -29.88
CA PHE B 952 20.10 14.94 -30.93
C PHE B 952 19.69 16.40 -30.82
N HIS B 953 18.44 16.66 -30.47
CA HIS B 953 17.93 18.03 -30.46
C HIS B 953 18.56 18.84 -29.33
N LYS B 954 18.80 20.13 -29.62
CA LYS B 954 19.34 21.06 -28.64
C LYS B 954 18.27 21.98 -28.05
N VAL B 955 17.03 21.86 -28.50
CA VAL B 955 15.93 22.66 -27.99
C VAL B 955 14.72 21.76 -27.85
N ARG B 956 13.97 21.93 -26.76
CA ARG B 956 12.75 21.16 -26.55
C ARG B 956 11.87 21.22 -27.79
N HIS B 957 11.68 20.07 -28.41
CA HIS B 957 10.98 19.97 -29.68
C HIS B 957 9.69 19.17 -29.48
N SER B 958 8.78 19.32 -30.44
CA SER B 958 7.55 18.55 -30.44
C SER B 958 7.77 17.07 -30.72
N GLU B 959 8.97 16.69 -31.15
CA GLU B 959 9.22 15.32 -31.58
C GLU B 959 10.30 14.66 -30.72
N ASP B 960 10.20 14.79 -29.40
CA ASP B 960 11.11 14.12 -28.48
C ASP B 960 10.32 13.36 -27.42
N MET B 961 10.95 12.34 -26.86
CA MET B 961 10.29 11.45 -25.91
C MET B 961 10.26 12.10 -24.52
N GLN B 962 9.06 12.37 -24.02
CA GLN B 962 8.92 12.94 -22.69
C GLN B 962 9.38 11.94 -21.64
N PHE B 963 10.11 12.43 -20.64
CA PHE B 963 10.83 11.55 -19.72
C PHE B 963 9.86 10.70 -18.89
N ALA B 964 8.89 11.34 -18.25
CA ALA B 964 8.01 10.61 -17.34
C ALA B 964 6.88 9.91 -18.07
N PHE B 965 6.27 10.57 -19.06
CA PHE B 965 5.13 10.00 -19.75
C PHE B 965 5.51 8.69 -20.44
N SER B 966 6.60 8.71 -21.22
CA SER B 966 7.03 7.51 -21.93
C SER B 966 7.41 6.40 -20.97
N TYR B 967 8.17 6.72 -19.92
CA TYR B 967 8.61 5.70 -18.98
C TYR B 967 7.42 5.06 -18.28
N PHE B 968 6.50 5.86 -17.77
CA PHE B 968 5.42 5.31 -16.97
C PHE B 968 4.42 4.56 -17.84
N TYR B 969 4.16 5.03 -19.06
CA TYR B 969 3.25 4.29 -19.91
C TYR B 969 3.94 3.18 -20.70
N TYR B 970 5.25 3.03 -20.56
CA TYR B 970 5.89 1.78 -20.94
C TYR B 970 5.87 0.78 -19.81
N LEU B 971 6.05 1.24 -18.57
CA LEU B 971 5.93 0.37 -17.40
C LEU B 971 4.52 -0.18 -17.30
N MET B 972 3.52 0.64 -17.60
CA MET B 972 2.13 0.20 -17.51
C MET B 972 1.67 -0.58 -18.74
N SER B 973 2.44 -0.59 -19.83
CA SER B 973 2.01 -1.23 -21.07
C SER B 973 2.86 -2.42 -21.49
N ALA B 974 4.08 -2.56 -20.97
CA ALA B 974 4.94 -3.66 -21.38
C ALA B 974 4.30 -5.00 -21.04
N VAL B 975 4.29 -5.91 -22.00
CA VAL B 975 3.66 -7.21 -21.86
C VAL B 975 4.74 -8.28 -21.82
N GLN B 976 4.35 -9.45 -21.30
CA GLN B 976 5.23 -10.60 -21.24
C GLN B 976 4.58 -11.76 -21.98
N PRO B 977 5.31 -12.49 -22.82
CA PRO B 977 4.72 -13.62 -23.53
C PRO B 977 4.22 -14.69 -22.56
N LEU B 978 3.08 -15.29 -22.91
CA LEU B 978 2.48 -16.31 -22.06
C LEU B 978 3.32 -17.58 -22.07
N ASN B 979 3.59 -18.12 -20.89
CA ASN B 979 4.40 -19.32 -20.73
C ASN B 979 3.48 -20.48 -20.39
N ILE B 980 3.40 -21.45 -21.30
CA ILE B 980 2.54 -22.61 -21.07
C ILE B 980 3.06 -23.44 -19.91
N SER B 981 4.38 -23.51 -19.73
CA SER B 981 4.93 -24.22 -18.59
C SER B 981 4.46 -23.62 -17.28
N GLN B 982 4.42 -22.28 -17.20
CA GLN B 982 3.93 -21.62 -16.00
C GLN B 982 2.45 -21.92 -15.77
N VAL B 983 1.66 -21.95 -16.84
CA VAL B 983 0.24 -22.26 -16.71
C VAL B 983 0.05 -23.67 -16.17
N PHE B 984 0.83 -24.63 -16.71
CA PHE B 984 0.73 -26.00 -16.21
C PHE B 984 1.15 -26.08 -14.75
N ASP B 985 2.23 -25.40 -14.38
CA ASP B 985 2.69 -25.45 -12.99
C ASP B 985 1.69 -24.81 -12.04
N GLU B 986 1.03 -23.74 -12.45
CA GLU B 986 0.04 -23.10 -11.60
C GLU B 986 -1.28 -23.86 -11.57
N VAL B 987 -1.55 -24.72 -12.55
CA VAL B 987 -2.72 -25.59 -12.48
C VAL B 987 -2.39 -26.90 -11.76
N ASP B 988 -1.24 -27.49 -12.04
CA ASP B 988 -0.80 -28.71 -11.36
C ASP B 988 -0.30 -28.32 -9.98
N THR B 989 -1.23 -28.25 -9.02
CA THR B 989 -0.91 -27.71 -7.69
C THR B 989 -0.24 -28.72 -6.78
N ASP B 990 -0.24 -30.01 -7.12
CA ASP B 990 0.35 -31.03 -6.27
C ASP B 990 1.80 -31.34 -6.64
N GLN B 991 2.39 -30.62 -7.59
CA GLN B 991 3.78 -30.81 -8.00
C GLN B 991 4.04 -32.24 -8.44
N SER B 992 3.09 -32.82 -9.19
CA SER B 992 3.20 -34.18 -9.66
C SER B 992 3.58 -34.27 -11.14
N GLY B 993 3.34 -33.21 -11.90
CA GLY B 993 3.57 -33.25 -13.33
C GLY B 993 2.42 -33.79 -14.15
N VAL B 994 1.37 -34.28 -13.51
CA VAL B 994 0.21 -34.84 -14.20
C VAL B 994 -1.05 -34.15 -13.67
N LEU B 995 -1.93 -33.75 -14.57
CA LEU B 995 -3.18 -33.10 -14.17
C LEU B 995 -4.20 -34.15 -13.77
N SER B 996 -4.68 -34.06 -12.54
CA SER B 996 -5.76 -34.92 -12.06
C SER B 996 -7.10 -34.37 -12.53
N ASP B 997 -8.18 -35.04 -12.13
CA ASP B 997 -9.51 -34.60 -12.55
C ASP B 997 -9.83 -33.20 -12.03
N ARG B 998 -9.47 -32.91 -10.78
CA ARG B 998 -9.71 -31.58 -10.23
C ARG B 998 -8.85 -30.53 -10.93
N GLU B 999 -7.59 -30.85 -11.21
CA GLU B 999 -6.72 -29.91 -11.92
C GLU B 999 -7.19 -29.72 -13.35
N ILE B 1000 -7.66 -30.78 -14.01
CA ILE B 1000 -8.25 -30.63 -15.33
C ILE B 1000 -9.49 -29.73 -15.25
N ARG B 1001 -10.27 -29.87 -14.17
CA ARG B 1001 -11.45 -29.03 -14.01
C ARG B 1001 -11.08 -27.56 -13.87
N THR B 1002 -10.07 -27.25 -13.07
CA THR B 1002 -9.68 -25.84 -12.93
C THR B 1002 -9.04 -25.32 -14.20
N LEU B 1003 -8.32 -26.16 -14.95
CA LEU B 1003 -7.79 -25.74 -16.24
C LEU B 1003 -8.91 -25.43 -17.22
N ALA B 1004 -9.95 -26.28 -17.25
CA ALA B 1004 -11.09 -26.03 -18.13
C ALA B 1004 -11.81 -24.75 -17.71
N THR B 1005 -11.91 -24.51 -16.41
CA THR B 1005 -12.53 -23.27 -15.93
C THR B 1005 -11.73 -22.05 -16.37
N ARG B 1006 -10.40 -22.12 -16.25
CA ARG B 1006 -9.56 -20.99 -16.67
C ARG B 1006 -9.53 -20.83 -18.18
N ILE B 1007 -9.88 -21.87 -18.93
CA ILE B 1007 -9.86 -21.84 -20.38
C ILE B 1007 -11.21 -21.43 -20.96
N HIS B 1008 -12.28 -22.02 -20.47
CA HIS B 1008 -13.60 -21.79 -21.04
C HIS B 1008 -14.26 -20.58 -20.38
N GLU B 1009 -15.51 -20.32 -20.74
CA GLU B 1009 -16.27 -19.19 -20.23
C GLU B 1009 -17.38 -19.69 -19.32
N LEU B 1010 -17.43 -19.14 -18.11
CA LEU B 1010 -18.42 -19.59 -17.13
C LEU B 1010 -19.82 -19.13 -17.52
N PRO B 1011 -20.86 -19.87 -17.13
CA PRO B 1011 -20.85 -21.09 -16.30
C PRO B 1011 -20.33 -22.32 -17.04
N LEU B 1012 -19.54 -23.14 -16.38
CA LEU B 1012 -18.96 -24.33 -17.01
C LEU B 1012 -20.00 -25.44 -17.08
N SER B 1013 -19.97 -26.18 -18.17
CA SER B 1013 -20.88 -27.30 -18.39
C SER B 1013 -20.08 -28.58 -18.60
N LEU B 1014 -20.78 -29.71 -18.52
CA LEU B 1014 -20.15 -31.00 -18.80
C LEU B 1014 -19.64 -31.07 -20.23
N GLN B 1015 -20.28 -30.35 -21.15
CA GLN B 1015 -19.85 -30.38 -22.55
C GLN B 1015 -18.44 -29.83 -22.71
N ASP B 1016 -18.11 -28.74 -22.01
CA ASP B 1016 -16.78 -28.16 -22.13
C ASP B 1016 -15.71 -29.09 -21.58
N LEU B 1017 -15.96 -29.68 -20.41
CA LEU B 1017 -14.99 -30.61 -19.83
C LEU B 1017 -14.82 -31.84 -20.72
N THR B 1018 -15.92 -32.38 -21.25
CA THR B 1018 -15.79 -33.51 -22.16
C THR B 1018 -15.02 -33.11 -23.42
N GLY B 1019 -15.22 -31.89 -23.91
CA GLY B 1019 -14.46 -31.44 -25.05
C GLY B 1019 -12.98 -31.36 -24.77
N LEU B 1020 -12.61 -30.84 -23.59
CA LEU B 1020 -11.20 -30.80 -23.21
C LEU B 1020 -10.62 -32.21 -23.11
N GLU B 1021 -11.37 -33.13 -22.52
CA GLU B 1021 -10.92 -34.52 -22.44
C GLU B 1021 -10.72 -35.11 -23.83
N HIS B 1022 -11.64 -34.82 -24.75
CA HIS B 1022 -11.53 -35.31 -26.12
C HIS B 1022 -10.30 -34.73 -26.82
N MET B 1023 -10.04 -33.44 -26.60
CA MET B 1023 -8.86 -32.83 -27.20
C MET B 1023 -7.58 -33.48 -26.69
N LEU B 1024 -7.52 -33.73 -25.37
CA LEU B 1024 -6.34 -34.38 -24.81
C LEU B 1024 -6.18 -35.80 -25.36
N ILE B 1025 -7.28 -36.55 -25.46
CA ILE B 1025 -7.22 -37.91 -25.98
C ILE B 1025 -6.78 -37.92 -27.44
N ASN B 1026 -7.33 -37.01 -28.25
CA ASN B 1026 -6.94 -36.93 -29.65
C ASN B 1026 -5.46 -36.57 -29.79
N CYS B 1027 -4.98 -35.63 -28.97
CA CYS B 1027 -3.56 -35.29 -29.01
C CYS B 1027 -2.70 -36.48 -28.64
N SER B 1028 -3.13 -37.26 -27.64
CA SER B 1028 -2.37 -38.45 -27.27
C SER B 1028 -2.34 -39.47 -28.39
N LYS B 1029 -3.47 -39.65 -29.08
CA LYS B 1029 -3.52 -40.65 -30.15
C LYS B 1029 -2.74 -40.20 -31.37
N MET B 1030 -2.70 -38.89 -31.65
CA MET B 1030 -2.04 -38.35 -32.83
C MET B 1030 -0.59 -37.98 -32.58
N LEU B 1031 0.08 -38.66 -31.65
CA LEU B 1031 1.46 -38.32 -31.34
C LEU B 1031 2.15 -39.50 -30.64
N GLU B 1046 -2.56 -42.54 -10.19
CA GLU B 1046 -3.74 -41.70 -10.33
C GLU B 1046 -4.84 -42.43 -11.09
N SER B 1047 -6.03 -41.82 -11.15
CA SER B 1047 -7.15 -42.41 -11.86
C SER B 1047 -8.06 -41.30 -12.37
N TYR B 1048 -8.68 -41.56 -13.52
CA TYR B 1048 -9.57 -40.60 -14.16
C TYR B 1048 -10.97 -41.17 -14.28
N TYR B 1049 -11.97 -40.29 -14.25
CA TYR B 1049 -13.34 -40.72 -14.45
C TYR B 1049 -13.52 -41.28 -15.86
N ASP B 1050 -12.96 -40.62 -16.86
CA ASP B 1050 -13.00 -41.13 -18.22
C ASP B 1050 -11.91 -42.20 -18.39
N PRO B 1051 -12.27 -43.43 -18.76
CA PRO B 1051 -11.24 -44.49 -18.87
C PRO B 1051 -10.27 -44.28 -20.02
N ASN B 1052 -10.65 -43.52 -21.05
CA ASN B 1052 -9.81 -43.34 -22.22
C ASN B 1052 -8.78 -42.23 -22.05
N LEU B 1053 -8.88 -41.42 -21.02
CA LEU B 1053 -8.00 -40.26 -20.86
C LEU B 1053 -6.61 -40.71 -20.43
N PRO B 1054 -5.56 -40.35 -21.17
CA PRO B 1054 -4.20 -40.70 -20.75
C PRO B 1054 -3.74 -39.79 -19.63
N PRO B 1055 -2.61 -40.11 -18.98
CA PRO B 1055 -2.07 -39.20 -17.98
C PRO B 1055 -1.69 -37.86 -18.61
N VAL B 1056 -2.34 -36.79 -18.14
CA VAL B 1056 -2.17 -35.47 -18.73
C VAL B 1056 -0.90 -34.82 -18.18
N THR B 1057 0.21 -35.03 -18.87
CA THR B 1057 1.49 -34.48 -18.46
C THR B 1057 1.70 -33.10 -19.12
N LYS B 1058 2.75 -32.42 -18.69
CA LYS B 1058 3.07 -31.11 -19.27
C LYS B 1058 3.34 -31.23 -20.76
N SER B 1059 4.04 -32.29 -21.17
CA SER B 1059 4.34 -32.48 -22.58
C SER B 1059 3.06 -32.62 -23.40
N LEU B 1060 2.09 -33.39 -22.87
CA LEU B 1060 0.84 -33.59 -23.59
C LEU B 1060 0.07 -32.29 -23.77
N VAL B 1061 0.17 -31.37 -22.80
CA VAL B 1061 -0.56 -30.11 -22.91
C VAL B 1061 0.18 -29.14 -23.83
N THR B 1062 1.50 -29.04 -23.67
CA THR B 1062 2.28 -28.10 -24.48
C THR B 1062 2.25 -28.50 -25.94
N ASN B 1063 2.32 -29.80 -26.24
CA ASN B 1063 2.36 -30.28 -27.61
C ASN B 1063 0.97 -30.45 -28.22
N CYS B 1064 -0.08 -30.02 -27.52
CA CYS B 1064 -1.44 -30.09 -28.02
C CYS B 1064 -1.82 -28.74 -28.61
N LYS B 1065 -2.01 -28.71 -29.94
CA LYS B 1065 -2.33 -27.45 -30.61
C LYS B 1065 -3.66 -26.84 -30.16
N PRO B 1066 -4.77 -27.57 -30.09
CA PRO B 1066 -6.03 -26.91 -29.71
C PRO B 1066 -6.07 -26.45 -28.27
N VAL B 1067 -5.53 -27.25 -27.34
CA VAL B 1067 -5.54 -26.85 -25.93
C VAL B 1067 -4.67 -25.62 -25.73
N THR B 1068 -3.48 -25.60 -26.34
CA THR B 1068 -2.62 -24.43 -26.24
C THR B 1068 -3.25 -23.22 -26.91
N ASP B 1069 -3.96 -23.43 -28.02
CA ASP B 1069 -4.67 -22.33 -28.67
C ASP B 1069 -5.73 -21.75 -27.73
N LYS B 1070 -6.48 -22.61 -27.06
CA LYS B 1070 -7.48 -22.13 -26.10
C LYS B 1070 -6.83 -21.40 -24.93
N ILE B 1071 -5.69 -21.91 -24.47
CA ILE B 1071 -4.96 -21.24 -23.39
C ILE B 1071 -4.53 -19.85 -23.83
N HIS B 1072 -3.97 -19.74 -25.03
CA HIS B 1072 -3.51 -18.44 -25.52
C HIS B 1072 -4.66 -17.47 -25.73
N LYS B 1073 -5.80 -17.97 -26.21
CA LYS B 1073 -6.92 -17.08 -26.45
C LYS B 1073 -7.57 -16.63 -25.14
N ALA B 1074 -7.75 -17.54 -24.18
CA ALA B 1074 -8.48 -17.20 -22.97
C ALA B 1074 -7.64 -16.33 -22.03
N TYR B 1075 -6.35 -16.63 -21.90
CA TYR B 1075 -5.49 -15.89 -21.00
C TYR B 1075 -5.18 -14.52 -21.58
N LYS B 1076 -5.65 -13.47 -20.90
CA LYS B 1076 -5.31 -12.12 -21.33
C LYS B 1076 -3.83 -11.85 -21.15
N ASP B 1077 -3.30 -10.94 -21.96
CA ASP B 1077 -1.89 -10.59 -21.87
C ASP B 1077 -1.56 -10.02 -20.50
N LYS B 1078 -0.49 -10.49 -19.90
CA LYS B 1078 -0.07 -10.06 -18.58
C LYS B 1078 1.02 -9.00 -18.69
N ASN B 1079 0.98 -8.03 -17.79
CA ASN B 1079 1.97 -6.97 -17.78
C ASN B 1079 3.29 -7.46 -17.19
N LYS B 1080 4.39 -7.00 -17.76
CA LYS B 1080 5.70 -7.42 -17.27
C LYS B 1080 6.01 -6.81 -15.91
N TYR B 1081 5.42 -5.66 -15.60
CA TYR B 1081 5.72 -4.94 -14.38
C TYR B 1081 4.45 -4.63 -13.62
N ARG B 1082 4.58 -4.54 -12.30
CA ARG B 1082 3.46 -4.17 -11.44
C ARG B 1082 3.47 -2.67 -11.18
N PHE B 1083 2.28 -2.07 -11.21
CA PHE B 1083 2.13 -0.64 -11.01
C PHE B 1083 0.85 -0.38 -10.24
N GLU B 1084 0.79 0.80 -9.62
CA GLU B 1084 -0.38 1.22 -8.85
C GLU B 1084 -0.71 2.66 -9.21
N ILE B 1085 -1.81 2.85 -9.93
CA ILE B 1085 -2.22 4.20 -10.33
C ILE B 1085 -2.72 4.97 -9.12
N MET B 1086 -2.17 6.16 -8.91
CA MET B 1086 -2.47 7.01 -7.78
C MET B 1086 -3.20 8.26 -8.24
N GLY B 1087 -3.46 9.16 -7.29
CA GLY B 1087 -4.07 10.44 -7.57
C GLY B 1087 -3.13 11.60 -7.25
N GLU B 1088 -3.58 12.79 -7.61
CA GLU B 1088 -2.81 14.02 -7.42
C GLU B 1088 -3.18 14.74 -6.13
N GLU B 1089 -3.66 14.00 -5.12
CA GLU B 1089 -4.04 14.63 -3.86
C GLU B 1089 -2.82 15.13 -3.09
N GLU B 1090 -1.69 14.43 -3.17
CA GLU B 1090 -0.49 14.77 -2.42
C GLU B 1090 0.51 15.56 -3.24
N ILE B 1091 0.08 16.16 -4.35
CA ILE B 1091 0.96 16.89 -5.24
C ILE B 1091 0.49 18.33 -5.34
N ALA B 1092 1.40 19.27 -5.07
CA ALA B 1092 1.13 20.70 -5.17
C ALA B 1092 1.93 21.25 -6.35
N PHE B 1093 1.27 21.41 -7.49
CA PHE B 1093 1.90 21.94 -8.69
C PHE B 1093 1.31 23.31 -8.99
N LYS B 1094 2.18 24.31 -9.14
CA LYS B 1094 1.74 25.67 -9.35
C LYS B 1094 2.70 26.38 -10.30
N MET B 1095 2.14 27.24 -11.14
CA MET B 1095 2.92 28.01 -12.11
C MET B 1095 3.02 29.46 -11.66
N ILE B 1096 4.24 29.99 -11.68
CA ILE B 1096 4.52 31.32 -11.13
C ILE B 1096 4.34 32.31 -12.28
N ARG B 1097 3.13 32.81 -12.43
CA ARG B 1097 2.77 33.67 -13.58
C ARG B 1097 2.92 35.15 -13.23
N THR B 1098 4.14 35.52 -12.81
CA THR B 1098 4.61 36.91 -12.67
C THR B 1098 3.52 37.87 -12.20
N ASN B 1099 2.87 37.51 -11.10
CA ASN B 1099 1.87 38.34 -10.45
C ASN B 1099 2.08 38.21 -8.95
N VAL B 1100 2.50 39.31 -8.30
CA VAL B 1100 2.93 39.23 -6.91
C VAL B 1100 1.78 38.77 -6.01
N SER B 1101 0.60 39.36 -6.18
CA SER B 1101 -0.52 39.00 -5.31
C SER B 1101 -0.94 37.55 -5.53
N HIS B 1102 -1.03 37.12 -6.80
CA HIS B 1102 -1.41 35.75 -7.09
C HIS B 1102 -0.36 34.76 -6.62
N VAL B 1103 0.92 35.10 -6.79
CA VAL B 1103 2.00 34.24 -6.31
C VAL B 1103 1.92 34.09 -4.79
N VAL B 1104 1.71 35.21 -4.09
CA VAL B 1104 1.57 35.14 -2.64
C VAL B 1104 0.37 34.28 -2.26
N GLY B 1105 -0.74 34.42 -2.99
CA GLY B 1105 -1.91 33.63 -2.68
C GLY B 1105 -1.69 32.14 -2.83
N GLN B 1106 -1.05 31.73 -3.93
CA GLN B 1106 -0.85 30.30 -4.15
C GLN B 1106 0.22 29.74 -3.21
N LEU B 1107 1.24 30.53 -2.89
CA LEU B 1107 2.19 30.09 -1.87
C LEU B 1107 1.51 29.93 -0.51
N ASP B 1108 0.56 30.83 -0.20
CA ASP B 1108 -0.23 30.67 1.01
C ASP B 1108 -1.09 29.42 0.96
N ASP B 1109 -1.58 29.08 -0.23
CA ASP B 1109 -2.32 27.83 -0.38
C ASP B 1109 -1.45 26.63 -0.07
N ILE B 1110 -0.19 26.67 -0.50
CA ILE B 1110 0.76 25.62 -0.12
C ILE B 1110 0.99 25.62 1.39
N ARG B 1111 1.12 26.81 1.98
CA ARG B 1111 1.37 26.92 3.42
C ARG B 1111 0.23 26.32 4.23
N LYS B 1112 -1.01 26.65 3.88
CA LYS B 1112 -2.16 26.19 4.64
C LYS B 1112 -2.34 24.68 4.52
N ASN B 1113 -2.17 24.13 3.33
CA ASN B 1113 -2.34 22.70 3.05
C ASN B 1113 -1.00 22.14 2.62
N PRO B 1114 -0.18 21.66 3.57
CA PRO B 1114 1.11 21.08 3.18
C PRO B 1114 0.91 19.79 2.41
N ARG B 1115 1.47 19.73 1.21
CA ARG B 1115 1.38 18.54 0.38
C ARG B 1115 2.72 17.83 0.33
N LYS B 1116 2.66 16.56 -0.08
CA LYS B 1116 3.84 15.71 -0.02
C LYS B 1116 4.85 16.08 -1.09
N PHE B 1117 4.38 16.46 -2.28
CA PHE B 1117 5.25 16.85 -3.38
C PHE B 1117 4.84 18.24 -3.85
N VAL B 1118 5.81 19.15 -3.93
CA VAL B 1118 5.55 20.54 -4.29
C VAL B 1118 6.39 20.90 -5.51
N CYS B 1119 5.74 21.42 -6.53
CA CYS B 1119 6.41 21.90 -7.74
C CYS B 1119 6.02 23.35 -7.98
N LEU B 1120 7.02 24.19 -8.22
CA LEU B 1120 6.83 25.62 -8.49
C LEU B 1120 7.51 25.91 -9.83
N ASN B 1121 6.76 25.81 -10.91
CA ASN B 1121 7.35 26.01 -12.23
C ASN B 1121 7.57 27.49 -12.53
N ASP B 1122 8.59 27.76 -13.33
CA ASP B 1122 9.02 29.12 -13.63
C ASP B 1122 8.31 29.61 -14.89
N ASN B 1123 7.35 30.52 -14.71
CA ASN B 1123 6.68 31.21 -15.80
C ASN B 1123 6.85 32.72 -15.70
N ILE B 1124 7.96 33.17 -15.10
CA ILE B 1124 8.20 34.59 -14.90
C ILE B 1124 8.79 35.19 -16.15
N ASP B 1125 8.59 36.50 -16.33
CA ASP B 1125 9.16 37.19 -17.49
C ASP B 1125 10.67 37.38 -17.35
N HIS B 1126 11.15 37.63 -16.13
CA HIS B 1126 12.54 37.84 -15.76
C HIS B 1126 13.12 39.15 -16.28
N ASN B 1127 12.36 39.93 -17.04
CA ASN B 1127 12.73 41.29 -17.39
C ASN B 1127 11.80 42.32 -16.78
N HIS B 1128 10.61 41.93 -16.35
CA HIS B 1128 9.69 42.81 -15.66
C HIS B 1128 10.26 43.24 -14.32
N LYS B 1129 9.85 44.42 -13.85
CA LYS B 1129 10.28 44.87 -12.54
C LYS B 1129 9.76 43.96 -11.44
N ASP B 1130 8.60 43.33 -11.66
CA ASP B 1130 8.01 42.43 -10.68
C ASP B 1130 8.80 41.12 -10.53
N ALA B 1131 9.73 40.82 -11.44
CA ALA B 1131 10.44 39.56 -11.37
C ALA B 1131 11.25 39.44 -10.09
N GLN B 1132 11.94 40.51 -9.69
CA GLN B 1132 12.72 40.46 -8.46
C GLN B 1132 11.82 40.37 -7.24
N THR B 1133 10.68 41.04 -7.25
CA THR B 1133 9.73 40.91 -6.14
C THR B 1133 9.20 39.49 -6.05
N VAL B 1134 8.91 38.86 -7.19
CA VAL B 1134 8.45 37.48 -7.20
C VAL B 1134 9.53 36.55 -6.67
N LYS B 1135 10.79 36.79 -7.06
CA LYS B 1135 11.88 35.98 -6.55
C LYS B 1135 12.04 36.16 -5.05
N ALA B 1136 11.87 37.38 -4.55
CA ALA B 1136 11.94 37.62 -3.11
C ALA B 1136 10.81 36.91 -2.38
N VAL B 1137 9.61 36.93 -2.94
CA VAL B 1137 8.48 36.21 -2.35
C VAL B 1137 8.77 34.72 -2.30
N LEU B 1138 9.28 34.16 -3.40
CA LEU B 1138 9.61 32.73 -3.41
C LEU B 1138 10.70 32.40 -2.41
N ARG B 1139 11.71 33.26 -2.30
CA ARG B 1139 12.79 33.00 -1.34
C ARG B 1139 12.28 33.07 0.09
N ASP B 1140 11.38 34.01 0.38
CA ASP B 1140 10.80 34.09 1.72
C ASP B 1140 9.96 32.86 2.03
N PHE B 1141 9.18 32.39 1.06
CA PHE B 1141 8.40 31.17 1.24
C PHE B 1141 9.30 29.96 1.48
N TYR B 1142 10.37 29.84 0.69
CA TYR B 1142 11.31 28.75 0.87
C TYR B 1142 11.98 28.80 2.24
N GLU B 1143 12.39 30.00 2.67
CA GLU B 1143 13.03 30.15 3.96
C GLU B 1143 12.06 29.84 5.09
N SER B 1144 10.79 30.17 4.92
CA SER B 1144 9.79 29.79 5.91
C SER B 1144 9.67 28.28 6.02
N MET B 1145 9.65 27.58 4.88
CA MET B 1145 9.53 26.13 4.94
C MET B 1145 10.82 25.45 5.39
N PHE B 1146 11.98 25.87 4.86
CA PHE B 1146 13.25 25.22 5.15
C PHE B 1146 14.32 26.26 5.46
N PRO B 1147 14.35 26.77 6.69
CA PRO B 1147 15.36 27.78 7.03
C PRO B 1147 16.72 27.23 7.40
N ILE B 1148 16.80 25.99 7.85
CA ILE B 1148 18.06 25.44 8.35
C ILE B 1148 18.97 25.11 7.17
N PRO B 1149 20.22 25.57 7.15
CA PRO B 1149 21.13 25.18 6.08
C PRO B 1149 21.37 23.68 6.08
N SER B 1150 21.50 23.11 4.89
CA SER B 1150 21.68 21.68 4.73
C SER B 1150 23.16 21.32 4.79
N GLN B 1151 23.43 20.01 4.84
CA GLN B 1151 24.80 19.52 4.83
C GLN B 1151 25.48 19.69 3.48
N PHE B 1152 24.74 20.08 2.44
CA PHE B 1152 25.28 20.28 1.11
C PHE B 1152 25.66 21.72 0.84
N GLU B 1153 25.84 22.53 1.89
CA GLU B 1153 26.13 23.94 1.77
C GLU B 1153 27.52 24.23 2.34
N LEU B 1154 28.25 25.11 1.68
CA LEU B 1154 29.48 25.61 2.26
C LEU B 1154 29.15 26.50 3.45
N PRO B 1155 29.80 26.31 4.61
CA PRO B 1155 29.51 27.11 5.80
C PRO B 1155 29.76 28.60 5.60
C1 NAG C . 24.95 31.40 -11.65
C2 NAG C . 26.06 31.31 -10.61
C3 NAG C . 26.29 32.69 -9.99
C4 NAG C . 26.60 33.68 -11.11
C5 NAG C . 25.49 33.64 -12.16
C6 NAG C . 25.76 34.55 -13.34
C7 NAG C . 24.73 30.20 -8.80
C8 NAG C . 24.77 29.04 -7.85
N2 NAG C . 25.81 30.31 -9.59
O3 NAG C . 27.34 32.59 -9.08
O4 NAG C . 26.70 34.96 -10.51
O5 NAG C . 25.35 32.32 -12.64
O6 NAG C . 27.05 34.26 -13.85
O7 NAG C . 23.77 30.96 -8.82
C1 NAG C . 28.06 35.42 -10.61
C2 NAG C . 28.05 36.95 -10.60
C3 NAG C . 29.48 37.49 -10.61
C4 NAG C . 30.31 36.84 -9.50
C5 NAG C . 30.21 35.32 -9.61
C6 NAG C . 30.97 34.58 -8.55
C7 NAG C . 26.06 37.94 -11.67
C8 NAG C . 25.50 38.41 -12.99
N2 NAG C . 27.31 37.46 -11.73
O3 NAG C . 29.41 38.88 -10.46
O4 NAG C . 31.64 37.29 -9.65
O5 NAG C . 28.84 34.96 -9.53
O6 NAG C . 30.50 34.95 -7.27
O7 NAG C . 25.41 38.00 -10.65
CA CA D . 11.41 30.79 14.31
MG MG E . -18.30 -22.91 10.51
C1' UD1 F . -18.69 -13.63 10.79
C2' UD1 F . -17.36 -12.97 11.15
C3' UD1 F . -17.06 -13.28 12.60
C4' UD1 F . -18.20 -12.76 13.46
C5' UD1 F . -19.54 -13.32 12.98
C6' UD1 F . -20.70 -12.65 13.67
C7' UD1 F . -15.52 -12.59 9.57
C8' UD1 F . -14.45 -13.25 8.74
N2' UD1 F . -16.29 -13.43 10.30
O1' UD1 F . -18.53 -15.00 11.04
O3' UD1 F . -15.83 -12.71 12.96
O4' UD1 F . -17.93 -13.14 14.79
O5' UD1 F . -19.70 -13.11 11.59
O6' UD1 F . -20.25 -12.15 14.91
O7' UD1 F . -15.67 -11.37 9.58
N1 UD1 F . -16.62 -20.43 16.65
C2 UD1 F . -16.04 -20.97 17.77
N3 UD1 F . -16.91 -21.47 18.68
C4 UD1 F . -18.29 -21.49 18.62
C5 UD1 F . -18.82 -20.92 17.42
C6 UD1 F . -17.97 -20.41 16.51
O2 UD1 F . -14.84 -21.00 17.95
O4 UD1 F . -18.93 -21.98 19.53
C1B UD1 F . -15.80 -19.86 15.58
C2B UD1 F . -15.84 -20.59 14.24
O2' UD1 F . -15.07 -21.76 14.32
C3B UD1 F . -15.23 -19.51 13.35
C4B UD1 F . -15.80 -18.23 13.93
O4B UD1 F . -16.15 -18.54 15.29
O3B UD1 F . -13.84 -19.47 13.50
C5B UD1 F . -16.97 -17.66 13.16
O5B UD1 F . -18.02 -18.59 13.09
PA UD1 F . -18.89 -18.61 11.70
O1A UD1 F . -20.08 -19.50 11.86
O2A UD1 F . -17.96 -18.79 10.54
O3A UD1 F . -19.37 -17.05 11.83
PB UD1 F . -19.69 -16.07 10.55
O1B UD1 F . -21.03 -15.45 10.65
O2B UD1 F . -19.23 -16.69 9.27
C1 NAG G . -30.12 -25.12 -7.59
C2 NAG G . -31.64 -25.27 -7.40
C3 NAG G . -32.26 -25.67 -8.74
C4 NAG G . -31.87 -24.68 -9.83
C5 NAG G . -30.34 -24.51 -9.85
C6 NAG G . -29.86 -23.48 -10.85
C7 NAG G . -32.54 -25.88 -5.20
C8 NAG G . -32.77 -27.03 -4.25
N2 NAG G . -31.95 -26.21 -6.37
O3 NAG G . -33.65 -25.73 -8.56
O4 NAG G . -32.35 -25.17 -11.04
O5 NAG G . -29.88 -24.14 -8.56
O6 NAG G . -28.50 -23.18 -10.62
O7 NAG G . -32.87 -24.75 -4.92
C1 NAG H . -17.89 -12.37 35.02
C2 NAG H . -18.88 -12.42 36.22
C3 NAG H . -19.02 -11.11 36.98
C4 NAG H . -17.75 -10.29 36.81
C5 NAG H . -17.69 -9.92 35.33
C6 NAG H . -16.52 -9.03 34.98
C7 NAG H . -21.15 -13.34 36.61
C8 NAG H . -22.44 -13.73 35.93
N2 NAG H . -20.19 -12.86 35.79
O3 NAG H . -19.28 -11.42 38.32
O4 NAG H . -17.87 -9.15 37.63
O5 NAG H . -17.65 -11.08 34.49
O6 NAG H . -16.34 -8.98 33.59
O7 NAG H . -21.01 -13.46 37.82
C1 NAG I . -15.00 -33.89 15.69
C2 NAG I . -13.69 -34.61 15.34
C3 NAG I . -13.94 -36.08 15.04
C4 NAG I . -14.85 -36.74 16.09
C5 NAG I . -16.11 -35.89 16.24
C6 NAG I . -17.09 -36.42 17.26
C7 NAG I . -11.83 -33.49 14.15
C8 NAG I . -11.44 -32.87 12.84
N2 NAG I . -13.08 -33.98 14.21
O3 NAG I . -12.70 -36.73 14.99
O4 NAG I . -15.15 -38.03 15.63
O5 NAG I . -15.72 -34.61 16.66
O6 NAG I . -16.80 -37.77 17.54
O7 NAG I . -11.04 -33.52 15.10
C1 NAG J . 2.55 18.31 22.61
C2 NAG J . 2.29 17.78 24.03
C3 NAG J . 3.59 17.68 24.83
C4 NAG J . 4.67 16.95 24.04
C5 NAG J . 4.83 17.68 22.71
C6 NAG J . 5.94 17.11 21.84
C7 NAG J . 0.20 18.24 25.28
C8 NAG J . -0.13 16.76 25.13
N2 NAG J . 1.37 18.63 24.73
O3 NAG J . 3.31 17.04 26.05
O4 NAG J . 5.84 16.97 24.80
O5 NAG J . 3.61 17.61 22.01
O6 NAG J . 7.16 17.18 22.54
O7 NAG J . -0.55 19.00 25.87
MG MG K . -18.19 -18.06 8.19
C1 NAG L . -2.71 39.94 -10.53
C2 NAG L . -3.47 40.60 -11.69
C3 NAG L . -4.76 41.27 -11.20
C4 NAG L . -5.58 40.31 -10.38
C5 NAG L . -4.71 39.79 -9.22
C6 NAG L . -5.43 38.84 -8.30
C7 NAG L . -2.30 41.44 -13.69
C8 NAG L . -1.42 42.54 -14.22
N2 NAG L . -2.64 41.55 -12.39
O3 NAG L . -5.46 41.73 -12.32
O4 NAG L . -6.71 40.99 -9.91
O5 NAG L . -3.58 39.13 -9.77
O6 NAG L . -4.55 38.36 -7.31
O7 NAG L . -2.69 40.53 -14.40
MG MG M . 9.93 23.03 -13.87
C1' UD1 N . 8.90 19.20 -17.25
C2' UD1 N . 9.34 17.84 -16.70
C3' UD1 N . 10.72 17.53 -17.25
C4' UD1 N . 10.66 17.53 -18.78
C5' UD1 N . 10.08 18.85 -19.28
C6' UD1 N . 9.82 18.82 -20.77
C7' UD1 N . 8.50 17.12 -14.52
C8' UD1 N . 8.68 17.25 -13.03
N2' UD1 N . 9.36 17.84 -15.26
O1' UD1 N . 9.88 20.11 -16.84
O3' UD1 N . 11.14 16.29 -16.74
O4' UD1 N . 11.98 17.35 -19.24
O5' UD1 N . 8.84 19.12 -18.64
O6' UD1 N . 8.92 17.80 -21.07
O7' UD1 N . 7.64 16.40 -15.01
N1 UD1 N . 17.63 21.70 -17.39
C2 UD1 N . 18.99 21.50 -17.52
N3 UD1 N . 19.56 22.10 -18.60
C4 UD1 N . 18.97 22.89 -19.56
C5 UD1 N . 17.55 23.07 -19.35
C6 UD1 N . 16.96 22.47 -18.29
O2 UD1 N . 19.64 20.83 -16.75
O4 UD1 N . 19.62 23.36 -20.45
C1B UD1 N . 16.90 21.11 -16.28
C2B UD1 N . 16.34 22.08 -15.24
O2' UD1 N . 17.35 22.45 -14.36
C3B UD1 N . 15.26 21.20 -14.61
C4B UD1 N . 14.79 20.32 -15.76
O4B UD1 N . 15.82 20.37 -16.75
O3B UD1 N . 15.81 20.37 -13.63
C5B UD1 N . 13.44 20.72 -16.33
O5B UD1 N . 13.52 22.02 -16.86
PA UD1 N . 12.22 23.00 -16.62
O1A UD1 N . 12.39 24.25 -17.41
O2A UD1 N . 11.95 23.05 -15.16
O3A UD1 N . 11.17 21.99 -17.39
PB UD1 N . 9.62 21.75 -16.94
O1B UD1 N . 8.67 22.04 -18.06
O2B UD1 N . 9.36 22.27 -15.58
C1 NAG O . 26.98 11.13 -32.81
C2 NAG O . 27.32 9.94 -33.73
C3 NAG O . 27.69 10.44 -35.13
C4 NAG O . 26.62 11.38 -35.67
C5 NAG O . 26.37 12.50 -34.66
C6 NAG O . 25.30 13.48 -35.08
C7 NAG O . 28.37 7.84 -33.01
C8 NAG O . 29.63 7.25 -32.44
N2 NAG O . 28.41 9.17 -33.20
O3 NAG O . 27.88 9.32 -35.94
O4 NAG O . 27.10 11.89 -36.89
O5 NAG O . 26.00 11.93 -33.42
O6 NAG O . 25.71 14.15 -36.24
O7 NAG O . 27.40 7.15 -33.28
CA CA P . -1.23 -33.27 -10.24
MG MG Q . 13.82 26.50 -13.87
#